data_5INH
#
_entry.id   5INH
#
_cell.length_a   62.358
_cell.length_b   80.745
_cell.length_c   76.480
_cell.angle_alpha   90.00
_cell.angle_beta   102.86
_cell.angle_gamma   90.00
#
_symmetry.space_group_name_H-M   'P 1 21 1'
#
loop_
_entity.id
_entity.type
_entity.pdbx_description
1 polymer 'Ectonucleotide pyrophosphatase/phosphodiesterase family member 2'
2 branched alpha-D-mannopyranose-(1-2)-alpha-D-mannopyranose-(1-2)-alpha-D-mannopyranose-(1-3)-beta-D-mannopyranose-(1-4)-2-acetamido-2-deoxy-beta-D-glucopyranose-(1-4)-2-acetamido-2-deoxy-beta-D-glucopyranose
3 branched 2-acetamido-2-deoxy-beta-D-glucopyranose-(1-4)-2-acetamido-2-deoxy-beta-D-glucopyranose
4 non-polymer 'ZINC ION'
5 non-polymer 'CALCIUM ION'
6 non-polymer 2-acetamido-2-deoxy-beta-D-glucopyranose
7 non-polymer 'ACETATE ION'
8 non-polymer '{2-[(3-chlorophenyl)methoxy]phenyl}boronic acid'
9 water water
#
_entity_poly.entity_id   1
_entity_poly.type   'polypeptide(L)'
_entity_poly.pdbx_seq_one_letter_code
;MLLVNQSHQGFNKEHTSKMVSAIVLYVLLAAAAHSAFAADPGGSAEWDEGPPTVLSDSPWTNTSGSCKGRCFELQEVGPP
DCRCDNLCKSYSSCCHDFDELCLKTARGWECTKDRCGEVRNEENACHCSEDCLSRGDCCTNYQVVCKGESHWVDDDCEEI
RVPECPAGFVRPPLIIFSVDGFRASYMKKGSKVMPNIEKLRSCGTHAPYMRPVYPTKTFPNLYTLATGLYPESHGIVGNS
MYDPVFDATFHLRGREKFNHRWWGGQPLWITATKQGVRAGTFFWSVSIPHERRILTILQWLSLPDNERPSVYAFYSEQPD
FSGHKYGPFGPEMTNPLREIDKTVGQLMDGLKQLKLHRCVNVIFVGDHGMEDVTCDRTEFLSNYLTNVDDITLVPGTLGR
IRPKIPNNLKYDPKAIIANLTCKKPDQHFKPYMKQHLPKRLHYANNRRIEDLHLLVERRWHVARKPLDVYKKPSGKCFFQ
GDHGFDNKVNSMQTVFVGYGPTFKYRTKVPPFENIELYNVMCDLLGLKPAPNNGTHGSLNHLLRTNTFRPTLPEEVSRPN
YPGIMYLQSDFDLGCTCDDKVEPKNKLEELNKRLHTKGSTEERHLLYGRPAVLYRTSYDILYHTDFESGYSEIFLMPLWT
SYTISKQAEVSSIPEHLTNCVRPDVRVSPGFSQNCLAYKNDKQMSYGFLFPPYLSSSPEAKYDAFLVTNMVPMYPAFKRV
WTYFQRVLVKKYASERNGVNVISGPIFDYNYNGLRDIEDEIKQYVEGSSIPVPTHYYSIITSCLDFTQPADKCDGPLSVS
SFILPHRPDNDESCNSSEDESKWVEELMKMHTARVRDIEHLTGLDFYRKTSRSYSEILTLKTYLHTYESEISAENLYFQ
;
_entity_poly.pdbx_strand_id   A
#
loop_
_chem_comp.id
_chem_comp.type
_chem_comp.name
_chem_comp.formula
6C1 non-polymer '{2-[(3-chlorophenyl)methoxy]phenyl}boronic acid' 'C13 H12 B Cl O3'
ACT non-polymer 'ACETATE ION' 'C2 H3 O2 -1'
BMA D-saccharide, beta linking beta-D-mannopyranose 'C6 H12 O6'
CA non-polymer 'CALCIUM ION' 'Ca 2'
MAN D-saccharide, alpha linking alpha-D-mannopyranose 'C6 H12 O6'
NAG D-saccharide, beta linking 2-acetamido-2-deoxy-beta-D-glucopyranose 'C8 H15 N O6'
ZN non-polymer 'ZINC ION' 'Zn 2'
#
# COMPACT_ATOMS: atom_id res chain seq x y z
N ASN A 62 -35.46 20.79 25.53
CA ASN A 62 -35.57 20.96 24.04
C ASN A 62 -34.45 21.85 23.51
N THR A 63 -33.73 21.31 22.54
CA THR A 63 -32.47 21.87 22.11
C THR A 63 -32.46 22.11 20.57
N SER A 64 -33.57 21.81 19.90
CA SER A 64 -33.74 22.04 18.45
C SER A 64 -33.77 23.52 18.06
N GLY A 65 -33.45 23.83 16.81
CA GLY A 65 -33.63 25.21 16.27
C GLY A 65 -32.47 26.18 16.53
N SER A 66 -31.57 25.83 17.44
CA SER A 66 -30.48 26.72 17.82
C SER A 66 -29.36 25.85 18.33
N CYS A 67 -28.13 26.35 18.19
CA CYS A 67 -26.98 25.65 18.69
C CYS A 67 -26.61 26.00 20.12
N LYS A 68 -27.42 26.79 20.81
CA LYS A 68 -27.22 27.00 22.26
C LYS A 68 -27.08 25.64 22.97
N GLY A 69 -25.92 25.43 23.59
CA GLY A 69 -25.66 24.22 24.36
C GLY A 69 -25.29 23.00 23.54
N ARG A 70 -25.05 23.19 22.24
CA ARG A 70 -24.89 22.08 21.31
C ARG A 70 -23.68 22.19 20.40
N CYS A 71 -22.79 23.14 20.63
CA CYS A 71 -21.73 23.41 19.64
C CYS A 71 -20.85 22.18 19.53
N PHE A 72 -20.55 21.74 18.30
CA PHE A 72 -19.77 20.49 18.04
C PHE A 72 -20.29 19.26 18.80
N GLU A 73 -21.61 19.16 18.84
CA GLU A 73 -22.28 18.01 19.43
C GLU A 73 -21.79 16.72 18.76
N LEU A 74 -21.59 15.70 19.58
CA LEU A 74 -21.02 14.46 19.12
C LEU A 74 -22.03 13.55 18.46
N GLN A 75 -23.30 13.70 18.83
CA GLN A 75 -24.38 12.97 18.20
C GLN A 75 -25.17 13.86 17.22
N GLU A 76 -25.00 13.53 15.95
CA GLU A 76 -25.60 14.24 14.84
C GLU A 76 -27.13 14.15 14.93
N VAL A 77 -27.80 15.16 14.35
CA VAL A 77 -29.23 15.28 14.45
C VAL A 77 -29.86 15.31 13.06
N GLY A 78 -30.98 14.61 12.89
CA GLY A 78 -31.67 14.57 11.61
C GLY A 78 -32.61 15.74 11.33
N PRO A 79 -32.97 15.92 10.04
CA PRO A 79 -34.03 16.89 9.70
C PRO A 79 -35.38 16.52 10.32
N PRO A 80 -36.22 17.51 10.59
CA PRO A 80 -36.07 18.92 10.22
C PRO A 80 -35.33 19.79 11.24
N ASP A 81 -34.64 19.20 12.21
CA ASP A 81 -33.89 20.01 13.13
C ASP A 81 -32.63 20.42 12.35
N CYS A 82 -32.00 21.50 12.80
CA CYS A 82 -30.74 21.94 12.24
C CYS A 82 -29.57 21.33 13.03
N ARG A 83 -28.38 21.38 12.45
CA ARG A 83 -27.22 20.72 12.97
C ARG A 83 -26.20 21.69 13.56
N CYS A 84 -25.42 21.19 14.51
CA CYS A 84 -24.41 21.96 15.22
C CYS A 84 -23.07 21.19 15.35
N ASP A 85 -22.99 20.05 14.69
CA ASP A 85 -21.76 19.30 14.57
C ASP A 85 -20.86 19.90 13.47
N ASN A 86 -19.62 19.44 13.45
CA ASN A 86 -18.59 20.07 12.62
C ASN A 86 -18.56 19.70 11.14
N LEU A 87 -19.61 19.02 10.65
CA LEU A 87 -19.89 18.85 9.22
C LEU A 87 -21.18 19.56 8.78
N CYS A 88 -21.87 20.25 9.68
CA CYS A 88 -23.09 20.93 9.29
C CYS A 88 -22.81 21.93 8.14
N LYS A 89 -21.63 22.53 8.11
CA LYS A 89 -21.28 23.41 7.00
C LYS A 89 -21.25 22.65 5.66
N SER A 90 -20.72 21.44 5.65
CA SER A 90 -20.60 20.67 4.41
C SER A 90 -21.98 20.20 3.87
N TYR A 91 -22.98 20.13 4.74
CA TYR A 91 -24.35 19.77 4.37
C TYR A 91 -25.33 20.93 4.35
N SER A 92 -24.82 22.16 4.49
CA SER A 92 -25.69 23.36 4.42
C SER A 92 -26.83 23.35 5.47
N SER A 93 -26.58 22.72 6.62
CA SER A 93 -27.64 22.39 7.57
C SER A 93 -27.42 23.00 8.97
N CYS A 94 -26.40 23.83 9.16
CA CYS A 94 -26.20 24.46 10.47
C CYS A 94 -27.38 25.32 10.90
N CYS A 95 -27.67 25.35 12.19
CA CYS A 95 -28.63 26.29 12.72
C CYS A 95 -28.12 27.71 12.44
N HIS A 96 -29.06 28.64 12.42
CA HIS A 96 -28.82 30.03 12.03
C HIS A 96 -27.75 30.70 12.87
N ASP A 97 -27.64 30.27 14.13
CA ASP A 97 -26.68 30.82 15.07
C ASP A 97 -25.36 30.03 15.29
N PHE A 98 -25.09 29.03 14.46
CA PHE A 98 -23.86 28.22 14.53
C PHE A 98 -22.59 29.10 14.52
N ASP A 99 -22.48 30.02 13.57
CA ASP A 99 -21.26 30.84 13.46
C ASP A 99 -21.10 31.72 14.69
N GLU A 100 -22.17 32.41 15.07
CA GLU A 100 -22.21 33.30 16.24
C GLU A 100 -21.79 32.59 17.52
N LEU A 101 -22.32 31.38 17.74
CA LEU A 101 -22.07 30.65 19.00
C LEU A 101 -20.87 29.73 18.99
N CYS A 102 -20.66 29.00 17.89
CA CYS A 102 -19.68 27.93 17.86
C CYS A 102 -18.36 28.32 17.20
N LEU A 103 -18.33 29.41 16.43
CA LEU A 103 -17.09 29.80 15.73
C LEU A 103 -16.57 31.15 16.20
N LYS A 104 -16.48 31.31 17.52
CA LYS A 104 -15.93 32.54 18.08
C LYS A 104 -14.45 32.72 17.73
N THR A 105 -14.11 33.98 17.42
CA THR A 105 -12.75 34.34 17.01
C THR A 105 -12.13 35.47 17.82
N ALA A 106 -12.91 36.20 18.61
CA ALA A 106 -12.40 37.40 19.26
C ALA A 106 -11.12 37.11 20.06
N ARG A 107 -10.15 38.01 19.91
CA ARG A 107 -8.90 37.99 20.64
C ARG A 107 -7.94 36.85 20.29
N GLY A 108 -8.28 36.10 19.24
CA GLY A 108 -7.37 35.10 18.70
C GLY A 108 -7.22 33.85 19.56
N TRP A 109 -6.07 33.20 19.42
CA TRP A 109 -5.93 31.82 19.85
C TRP A 109 -4.94 31.63 20.97
N GLU A 110 -4.39 32.73 21.48
CA GLU A 110 -3.29 32.69 22.45
C GLU A 110 -3.56 33.62 23.62
N CYS A 111 -3.36 33.12 24.85
CA CYS A 111 -3.36 33.96 26.00
C CYS A 111 -2.14 34.88 25.88
N THR A 112 -2.28 36.09 26.41
CA THR A 112 -1.18 37.01 26.64
C THR A 112 -1.20 37.35 28.14
N LYS A 113 -0.11 37.91 28.66
CA LYS A 113 0.03 38.13 30.11
C LYS A 113 -1.14 38.92 30.68
N ASP A 114 -1.52 39.98 29.97
CA ASP A 114 -2.60 40.89 30.42
C ASP A 114 -3.95 40.20 30.56
N ARG A 115 -4.14 39.03 29.93
CA ARG A 115 -5.41 38.31 30.01
C ARG A 115 -5.46 37.32 31.16
N CYS A 116 -4.31 37.07 31.80
CA CYS A 116 -4.24 36.03 32.84
C CYS A 116 -5.14 36.40 33.99
N GLY A 117 -5.99 35.47 34.39
CA GLY A 117 -6.97 35.72 35.43
C GLY A 117 -8.13 36.64 35.02
N GLU A 118 -8.33 36.84 33.71
CA GLU A 118 -9.41 37.70 33.21
C GLU A 118 -10.76 37.21 33.71
N VAL A 119 -11.75 38.11 33.74
CA VAL A 119 -13.14 37.66 33.92
C VAL A 119 -13.56 37.02 32.60
N ARG A 120 -14.20 35.85 32.69
CA ARG A 120 -14.62 35.10 31.50
C ARG A 120 -15.56 35.95 30.64
N ASN A 121 -15.24 36.01 29.36
CA ASN A 121 -16.02 36.75 28.39
C ASN A 121 -16.37 35.75 27.31
N GLU A 122 -17.64 35.40 27.22
CA GLU A 122 -18.06 34.32 26.33
C GLU A 122 -17.83 34.63 24.85
N GLU A 123 -17.55 35.87 24.49
CA GLU A 123 -17.29 36.22 23.09
C GLU A 123 -15.89 35.80 22.64
N ASN A 124 -15.01 35.51 23.60
CA ASN A 124 -13.65 35.11 23.23
C ASN A 124 -13.53 33.73 22.60
N ALA A 125 -12.58 33.61 21.67
CA ALA A 125 -12.30 32.34 21.00
C ALA A 125 -11.92 31.23 21.97
N CYS A 126 -11.08 31.56 22.95
CA CYS A 126 -10.65 30.66 24.01
C CYS A 126 -10.33 31.51 25.22
N HIS A 127 -10.09 30.90 26.37
CA HIS A 127 -10.15 31.64 27.64
C HIS A 127 -8.87 31.55 28.44
N CYS A 128 -8.65 32.58 29.25
CA CYS A 128 -7.48 32.68 30.10
C CYS A 128 -7.92 32.96 31.53
N SER A 129 -9.18 32.65 31.83
CA SER A 129 -9.74 32.89 33.16
C SER A 129 -9.49 31.68 34.06
N GLU A 130 -9.61 31.90 35.37
CA GLU A 130 -9.40 30.84 36.35
C GLU A 130 -10.18 29.58 36.05
N ASP A 131 -11.44 29.72 35.64
CA ASP A 131 -12.32 28.57 35.43
C ASP A 131 -12.02 27.76 34.15
N CYS A 132 -11.13 28.22 33.28
CA CYS A 132 -11.02 27.57 31.98
C CYS A 132 -10.57 26.10 32.04
N LEU A 133 -9.66 25.75 32.96
CA LEU A 133 -9.23 24.35 33.03
C LEU A 133 -10.42 23.46 33.34
N SER A 134 -11.25 23.88 34.31
CA SER A 134 -12.49 23.17 34.65
C SER A 134 -13.48 23.12 33.49
N ARG A 135 -13.80 24.28 32.92
CA ARG A 135 -14.68 24.36 31.74
C ARG A 135 -14.11 23.62 30.53
N GLY A 136 -12.78 23.41 30.49
CA GLY A 136 -12.13 22.68 29.38
C GLY A 136 -11.81 23.50 28.13
N ASP A 137 -11.81 24.84 28.25
CA ASP A 137 -11.75 25.71 27.06
C ASP A 137 -10.69 26.81 27.16
N CYS A 138 -9.60 26.55 27.91
CA CYS A 138 -8.45 27.45 27.90
C CYS A 138 -7.83 27.51 26.51
N CYS A 139 -7.26 28.66 26.16
CA CYS A 139 -6.31 28.72 25.05
C CYS A 139 -5.19 27.72 25.36
N THR A 140 -4.62 27.15 24.31
CA THR A 140 -3.71 26.01 24.50
C THR A 140 -2.43 26.41 25.21
N ASN A 141 -2.11 27.71 25.23
CA ASN A 141 -0.91 28.23 25.89
C ASN A 141 -1.17 28.83 27.27
N TYR A 142 -2.37 28.64 27.79
CA TYR A 142 -2.77 29.26 29.04
C TYR A 142 -1.76 28.99 30.15
N GLN A 143 -1.43 27.72 30.37
CA GLN A 143 -0.56 27.40 31.49
C GLN A 143 0.88 27.86 31.30
N VAL A 144 1.31 28.01 30.05
CA VAL A 144 2.63 28.56 29.76
C VAL A 144 2.72 30.04 30.06
N VAL A 145 1.73 30.80 29.58
CA VAL A 145 1.74 32.23 29.81
C VAL A 145 1.34 32.61 31.23
N CYS A 146 0.38 31.89 31.81
CA CYS A 146 -0.24 32.31 33.08
C CYS A 146 0.20 31.51 34.29
N LYS A 147 0.70 30.29 34.10
CA LYS A 147 1.02 29.43 35.24
C LYS A 147 2.47 28.95 35.26
N GLY A 148 3.34 29.67 34.56
CA GLY A 148 4.78 29.41 34.62
C GLY A 148 5.30 28.09 34.07
N GLU A 149 4.46 27.35 33.34
CA GLU A 149 4.87 26.06 32.79
C GLU A 149 5.56 26.19 31.44
N SER A 150 6.16 25.10 30.99
CA SER A 150 6.89 25.06 29.73
C SER A 150 6.02 24.56 28.60
N HIS A 151 6.36 24.93 27.38
CA HIS A 151 5.73 24.29 26.24
C HIS A 151 6.11 22.81 26.22
N TRP A 152 5.22 21.96 25.73
CA TRP A 152 5.53 20.52 25.59
C TRP A 152 6.85 20.31 24.85
N VAL A 153 7.01 21.03 23.74
CA VAL A 153 8.24 20.90 22.93
C VAL A 153 9.53 21.31 23.65
N ASP A 154 9.43 22.09 24.73
CA ASP A 154 10.62 22.54 25.45
C ASP A 154 11.09 21.56 26.51
N ASP A 155 10.30 20.51 26.76
CA ASP A 155 10.67 19.41 27.63
C ASP A 155 11.36 18.29 26.87
N ASP A 156 12.31 17.64 27.53
CA ASP A 156 12.88 16.40 27.00
C ASP A 156 11.80 15.31 27.12
N CYS A 157 11.92 14.24 26.35
CA CYS A 157 10.96 13.15 26.46
C CYS A 157 11.47 12.07 27.36
N GLU A 158 10.62 11.59 28.24
CA GLU A 158 10.91 10.46 29.09
C GLU A 158 10.07 9.27 28.60
N GLU A 159 10.62 8.06 28.70
CA GLU A 159 9.88 6.90 28.22
C GLU A 159 8.54 6.81 28.96
N ILE A 160 7.45 6.60 28.24
CA ILE A 160 6.12 6.39 28.84
C ILE A 160 5.89 4.87 28.88
N ARG A 161 6.10 4.26 30.03
CA ARG A 161 5.98 2.81 30.18
C ARG A 161 4.55 2.31 30.39
N VAL A 162 3.72 3.12 31.03
CA VAL A 162 2.28 2.85 31.20
C VAL A 162 1.51 4.14 30.95
N PRO A 163 0.26 4.05 30.45
CA PRO A 163 -0.48 5.29 30.25
C PRO A 163 -0.70 6.01 31.56
N GLU A 164 -0.53 7.32 31.56
CA GLU A 164 -0.76 8.12 32.76
C GLU A 164 -2.00 8.97 32.45
N CYS A 165 -3.16 8.37 32.69
CA CYS A 165 -4.45 8.98 32.37
C CYS A 165 -5.20 9.29 33.66
N PRO A 166 -6.07 10.31 33.63
CA PRO A 166 -6.91 10.55 34.77
C PRO A 166 -7.71 9.29 35.11
N ALA A 167 -7.92 9.07 36.39
CA ALA A 167 -8.74 7.97 36.85
C ALA A 167 -10.08 8.13 36.15
N GLY A 168 -10.72 7.04 35.80
CA GLY A 168 -11.97 7.14 35.06
C GLY A 168 -11.83 6.96 33.56
N PHE A 169 -10.64 7.20 32.98
CA PHE A 169 -10.39 6.79 31.59
C PHE A 169 -10.40 5.26 31.51
N VAL A 170 -10.99 4.73 30.45
CA VAL A 170 -11.17 3.30 30.28
C VAL A 170 -10.10 2.71 29.35
N ARG A 171 -9.56 3.54 28.46
CA ARG A 171 -8.46 3.17 27.62
C ARG A 171 -7.71 4.44 27.22
N PRO A 172 -6.47 4.30 26.77
CA PRO A 172 -5.77 5.47 26.29
C PRO A 172 -6.43 5.96 25.02
N PRO A 173 -6.76 7.26 24.93
CA PRO A 173 -7.32 7.75 23.72
C PRO A 173 -6.31 7.70 22.57
N LEU A 174 -6.85 7.62 21.34
CA LEU A 174 -6.07 7.75 20.14
C LEU A 174 -6.45 9.01 19.34
N ILE A 175 -5.45 9.81 18.99
CA ILE A 175 -5.67 10.94 18.10
C ILE A 175 -4.84 10.78 16.82
N ILE A 176 -5.53 10.77 15.68
CA ILE A 176 -4.88 10.68 14.40
C ILE A 176 -4.77 12.06 13.78
N PHE A 177 -3.54 12.49 13.51
CA PHE A 177 -3.22 13.78 12.97
C PHE A 177 -2.78 13.54 11.52
N SER A 178 -3.70 13.73 10.59
CA SER A 178 -3.48 13.51 9.17
CA SER A 178 -3.42 13.51 9.19
C SER A 178 -3.02 14.79 8.47
N VAL A 179 -1.95 14.69 7.69
CA VAL A 179 -1.43 15.80 6.92
C VAL A 179 -1.38 15.45 5.43
N ASP A 180 -2.01 16.28 4.62
CA ASP A 180 -2.18 15.98 3.22
C ASP A 180 -0.95 16.37 2.45
N GLY A 181 -0.40 15.43 1.69
CA GLY A 181 0.71 15.71 0.79
C GLY A 181 2.06 15.90 1.49
N PHE A 182 2.20 15.29 2.66
CA PHE A 182 3.42 15.42 3.45
C PHE A 182 4.39 14.34 2.99
N ARG A 183 5.32 14.79 2.16
CA ARG A 183 6.31 13.93 1.57
C ARG A 183 7.29 13.51 2.66
N ALA A 184 7.67 12.23 2.65
CA ALA A 184 8.57 11.68 3.64
C ALA A 184 9.83 12.54 3.82
N SER A 185 10.43 12.99 2.72
CA SER A 185 11.65 13.77 2.83
C SER A 185 11.52 15.17 3.45
N TYR A 186 10.31 15.71 3.59
CA TYR A 186 10.14 16.94 4.35
C TYR A 186 10.67 16.81 5.78
N MET A 187 10.62 15.60 6.34
CA MET A 187 11.15 15.36 7.71
C MET A 187 12.61 15.74 7.85
N LYS A 188 13.37 15.75 6.75
CA LYS A 188 14.78 16.16 6.78
C LYS A 188 15.00 17.62 7.20
N LYS A 189 13.99 18.47 7.09
CA LYS A 189 14.14 19.85 7.48
C LYS A 189 14.31 19.94 9.00
N GLY A 190 13.83 18.93 9.70
CA GLY A 190 14.06 18.81 11.13
C GLY A 190 13.47 19.91 12.01
N SER A 191 14.07 20.08 13.18
CA SER A 191 13.47 20.92 14.20
CA SER A 191 13.54 20.94 14.23
C SER A 191 13.59 22.41 13.90
N LYS A 192 14.51 22.80 13.00
CA LYS A 192 14.59 24.19 12.52
C LYS A 192 13.22 24.67 12.08
N VAL A 193 12.52 23.81 11.38
CA VAL A 193 11.24 24.12 10.77
C VAL A 193 10.04 23.58 11.58
N MET A 194 10.20 22.37 12.10
CA MET A 194 9.13 21.62 12.72
C MET A 194 9.54 20.99 14.04
N PRO A 195 9.78 21.81 15.07
CA PRO A 195 10.27 21.25 16.34
C PRO A 195 9.33 20.27 17.03
N ASN A 196 8.03 20.51 17.00
CA ASN A 196 7.08 19.63 17.67
C ASN A 196 7.03 18.28 16.98
N ILE A 197 6.94 18.31 15.66
CA ILE A 197 6.86 17.07 14.87
C ILE A 197 8.15 16.29 15.04
N GLU A 198 9.28 16.99 14.98
CA GLU A 198 10.58 16.36 15.17
C GLU A 198 10.70 15.70 16.56
N LYS A 199 10.17 16.37 17.60
CA LYS A 199 10.12 15.72 18.92
C LYS A 199 9.31 14.41 18.87
N LEU A 200 8.10 14.44 18.31
CA LEU A 200 7.29 13.21 18.21
C LEU A 200 8.09 12.11 17.48
N ARG A 201 8.72 12.50 16.37
CA ARG A 201 9.45 11.55 15.51
C ARG A 201 10.63 10.95 16.26
N SER A 202 11.44 11.79 16.88
CA SER A 202 12.64 11.30 17.55
C SER A 202 12.34 10.56 18.87
N CYS A 203 11.30 10.97 19.57
CA CYS A 203 10.96 10.38 20.85
C CYS A 203 10.07 9.13 20.78
N GLY A 204 9.29 9.05 19.72
CA GLY A 204 8.31 7.97 19.54
C GLY A 204 8.86 6.89 18.62
N THR A 205 7.94 6.26 17.92
CA THR A 205 8.19 5.24 16.93
C THR A 205 7.96 5.85 15.56
N HIS A 206 8.97 5.76 14.69
CA HIS A 206 8.80 6.24 13.33
C HIS A 206 9.39 5.33 12.30
N ALA A 207 8.88 5.45 11.08
CA ALA A 207 9.47 4.82 9.92
C ALA A 207 10.10 5.94 9.10
N PRO A 208 11.18 5.65 8.35
CA PRO A 208 11.75 6.70 7.49
C PRO A 208 10.78 7.13 6.39
N TYR A 209 9.86 6.25 6.06
CA TYR A 209 8.71 6.60 5.19
C TYR A 209 7.66 5.52 5.23
N MET A 210 6.45 5.85 4.80
CA MET A 210 5.33 4.93 4.70
C MET A 210 4.89 4.96 3.25
N ARG A 211 4.62 3.78 2.71
CA ARG A 211 4.19 3.63 1.35
C ARG A 211 2.69 3.82 1.23
N PRO A 212 2.27 4.75 0.37
CA PRO A 212 0.85 4.92 0.09
C PRO A 212 0.32 3.79 -0.82
N VAL A 213 -1.00 3.78 -1.07
CA VAL A 213 -1.57 2.96 -2.14
C VAL A 213 -1.67 3.74 -3.46
N TYR A 214 -1.74 2.98 -4.54
CA TYR A 214 -1.99 3.54 -5.89
C TYR A 214 -3.50 3.63 -6.15
N PRO A 215 -3.98 4.73 -6.76
CA PRO A 215 -3.22 5.92 -7.16
C PRO A 215 -2.85 6.77 -5.96
N THR A 216 -1.72 7.45 -6.01
CA THR A 216 -1.20 8.17 -4.85
C THR A 216 -1.90 9.53 -4.70
N LYS A 217 -3.21 9.42 -4.51
CA LYS A 217 -4.12 10.54 -4.37
C LYS A 217 -4.85 10.47 -3.02
N THR A 218 -5.53 11.58 -2.70
CA THR A 218 -6.12 11.78 -1.38
C THR A 218 -7.22 10.82 -1.00
N PHE A 219 -8.30 10.76 -1.77
CA PHE A 219 -9.46 9.96 -1.37
C PHE A 219 -9.10 8.45 -1.24
N PRO A 220 -8.44 7.87 -2.25
CA PRO A 220 -8.05 6.45 -2.10
C PRO A 220 -7.18 6.17 -0.88
N ASN A 221 -6.21 7.06 -0.61
CA ASN A 221 -5.34 6.86 0.53
C ASN A 221 -5.94 7.10 1.90
N LEU A 222 -6.69 8.18 2.06
CA LEU A 222 -7.34 8.40 3.35
C LEU A 222 -8.32 7.27 3.66
N TYR A 223 -9.04 6.79 2.65
CA TYR A 223 -9.99 5.71 2.91
C TYR A 223 -9.30 4.37 3.12
N THR A 224 -8.11 4.22 2.53
CA THR A 224 -7.26 3.04 2.84
C THR A 224 -6.76 3.10 4.30
N LEU A 225 -6.28 4.26 4.76
CA LEU A 225 -5.90 4.45 6.14
C LEU A 225 -7.03 4.04 7.06
N ALA A 226 -8.27 4.41 6.70
CA ALA A 226 -9.42 4.16 7.55
C ALA A 226 -9.89 2.74 7.57
N THR A 227 -9.57 1.96 6.51
CA THR A 227 -10.20 0.64 6.35
C THR A 227 -9.22 -0.53 6.31
N GLY A 228 -7.96 -0.26 6.06
CA GLY A 228 -6.98 -1.33 5.83
C GLY A 228 -7.15 -2.06 4.49
N LEU A 229 -7.91 -1.48 3.57
CA LEU A 229 -8.22 -2.08 2.29
C LEU A 229 -7.50 -1.41 1.13
N TYR A 230 -7.10 -2.22 0.14
CA TYR A 230 -6.80 -1.66 -1.20
C TYR A 230 -7.99 -0.86 -1.74
N PRO A 231 -7.71 0.26 -2.46
CA PRO A 231 -8.77 0.92 -3.19
C PRO A 231 -9.68 0.04 -4.06
N GLU A 232 -9.17 -1.00 -4.74
CA GLU A 232 -10.06 -1.83 -5.58
C GLU A 232 -11.12 -2.51 -4.72
N SER A 233 -10.80 -2.75 -3.44
CA SER A 233 -11.71 -3.40 -2.52
C SER A 233 -12.64 -2.40 -1.81
N HIS A 234 -12.11 -1.28 -1.30
CA HIS A 234 -12.96 -0.29 -0.59
C HIS A 234 -13.81 0.57 -1.55
N GLY A 235 -13.43 0.63 -2.82
CA GLY A 235 -14.30 1.21 -3.85
C GLY A 235 -13.94 2.64 -4.24
N ILE A 236 -13.05 3.27 -3.48
CA ILE A 236 -12.69 4.65 -3.76
C ILE A 236 -11.38 4.58 -4.55
N VAL A 237 -11.53 4.32 -5.85
CA VAL A 237 -10.39 3.97 -6.71
C VAL A 237 -9.71 5.20 -7.31
N GLY A 238 -10.29 6.38 -7.10
CA GLY A 238 -9.73 7.63 -7.60
C GLY A 238 -10.33 8.81 -6.86
N ASN A 239 -9.80 10.02 -7.10
CA ASN A 239 -10.48 11.22 -6.66
C ASN A 239 -11.72 11.49 -7.49
N SER A 240 -11.78 10.97 -8.70
CA SER A 240 -13.03 10.95 -9.45
C SER A 240 -13.19 9.58 -10.06
N MET A 241 -14.45 9.18 -10.27
CA MET A 241 -14.77 7.83 -10.71
C MET A 241 -16.12 7.82 -11.41
N TYR A 242 -16.24 6.94 -12.39
CA TYR A 242 -17.50 6.65 -13.00
C TYR A 242 -17.85 5.20 -12.69
N ASP A 243 -19.06 5.01 -12.15
CA ASP A 243 -19.61 3.68 -11.90
C ASP A 243 -20.68 3.35 -12.92
N PRO A 244 -20.41 2.33 -13.77
CA PRO A 244 -21.35 2.02 -14.86
C PRO A 244 -22.67 1.36 -14.40
N VAL A 245 -22.71 0.78 -13.21
CA VAL A 245 -23.95 0.22 -12.70
C VAL A 245 -24.83 1.32 -12.16
N PHE A 246 -24.25 2.23 -11.37
CA PHE A 246 -24.95 3.42 -10.87
C PHE A 246 -25.25 4.38 -12.01
N ASP A 247 -24.40 4.36 -13.04
CA ASP A 247 -24.42 5.35 -14.12
C ASP A 247 -24.27 6.73 -13.50
N ALA A 248 -23.26 6.88 -12.66
CA ALA A 248 -23.06 8.12 -11.92
C ALA A 248 -21.57 8.38 -11.75
N THR A 249 -21.25 9.65 -11.50
CA THR A 249 -19.89 10.11 -11.33
C THR A 249 -19.64 10.63 -9.91
N PHE A 250 -18.54 10.18 -9.35
CA PHE A 250 -18.06 10.60 -8.04
C PHE A 250 -16.97 11.66 -8.32
N HIS A 251 -17.06 12.78 -7.61
CA HIS A 251 -16.11 13.86 -7.76
C HIS A 251 -16.06 14.67 -6.46
N LEU A 252 -14.94 15.34 -6.21
CA LEU A 252 -14.81 16.30 -5.11
C LEU A 252 -15.91 17.39 -5.10
N ARG A 253 -16.39 17.78 -6.26
CA ARG A 253 -17.21 19.00 -6.40
C ARG A 253 -18.66 18.69 -6.60
N GLY A 254 -19.14 17.61 -6.01
CA GLY A 254 -20.51 17.17 -6.20
C GLY A 254 -21.11 16.58 -4.94
N ARG A 255 -22.38 16.26 -5.05
CA ARG A 255 -23.12 15.67 -3.94
C ARG A 255 -23.04 14.14 -3.92
N GLU A 256 -22.68 13.53 -5.05
CA GLU A 256 -22.63 12.07 -5.19
C GLU A 256 -21.74 11.49 -4.10
N LYS A 257 -20.61 12.15 -3.85
CA LYS A 257 -19.63 11.67 -2.89
C LYS A 257 -20.20 11.44 -1.50
N PHE A 258 -21.30 12.13 -1.16
CA PHE A 258 -21.95 11.98 0.14
C PHE A 258 -22.77 10.69 0.26
N ASN A 259 -23.07 10.03 -0.85
CA ASN A 259 -23.92 8.85 -0.84
C ASN A 259 -23.11 7.63 -0.37
N HIS A 260 -23.61 6.92 0.64
CA HIS A 260 -22.88 5.80 1.25
C HIS A 260 -22.57 4.65 0.26
N ARG A 261 -23.31 4.58 -0.85
CA ARG A 261 -23.14 3.47 -1.81
C ARG A 261 -21.74 3.32 -2.39
N TRP A 262 -20.97 4.40 -2.45
CA TRP A 262 -19.60 4.34 -3.01
C TRP A 262 -18.59 3.70 -2.04
N TRP A 263 -18.88 3.79 -0.73
CA TRP A 263 -17.87 3.65 0.31
C TRP A 263 -17.96 2.27 0.98
N GLY A 264 -17.02 1.39 0.65
CA GLY A 264 -17.07 0.02 1.14
C GLY A 264 -16.20 -0.24 2.35
N GLY A 265 -16.07 -1.50 2.68
CA GLY A 265 -15.34 -1.88 3.86
C GLY A 265 -15.96 -1.36 5.14
N GLN A 266 -15.15 -1.31 6.21
CA GLN A 266 -15.59 -0.77 7.49
C GLN A 266 -14.55 0.19 8.06
N PRO A 267 -14.82 1.50 8.00
CA PRO A 267 -13.82 2.40 8.49
C PRO A 267 -13.71 2.40 9.99
N LEU A 268 -12.58 2.86 10.48
CA LEU A 268 -12.25 2.77 11.87
C LEU A 268 -13.31 3.34 12.83
N TRP A 269 -13.91 4.48 12.47
CA TRP A 269 -14.91 5.12 13.32
C TRP A 269 -16.14 4.23 13.51
N ILE A 270 -16.47 3.43 12.50
CA ILE A 270 -17.56 2.45 12.59
C ILE A 270 -17.17 1.20 13.38
N THR A 271 -15.98 0.67 13.10
CA THR A 271 -15.44 -0.46 13.89
C THR A 271 -15.41 -0.10 15.39
N ALA A 272 -14.96 1.11 15.68
CA ALA A 272 -14.95 1.61 17.07
C ALA A 272 -16.36 1.68 17.65
N THR A 273 -17.23 2.41 16.96
CA THR A 273 -18.60 2.62 17.45
C THR A 273 -19.31 1.31 17.72
N LYS A 274 -19.18 0.39 16.77
CA LYS A 274 -19.85 -0.91 16.84
C LYS A 274 -19.38 -1.77 18.04
N GLN A 275 -18.16 -1.56 18.51
CA GLN A 275 -17.60 -2.33 19.59
C GLN A 275 -17.58 -1.56 20.91
N GLY A 276 -18.32 -0.46 20.97
CA GLY A 276 -18.47 0.30 22.20
C GLY A 276 -17.38 1.33 22.50
N VAL A 277 -16.61 1.72 21.49
CA VAL A 277 -15.58 2.72 21.67
C VAL A 277 -16.05 3.98 20.95
N ARG A 278 -16.31 5.03 21.71
CA ARG A 278 -16.89 6.22 21.14
C ARG A 278 -15.87 6.97 20.29
N ALA A 279 -16.33 7.49 19.15
CA ALA A 279 -15.47 8.19 18.21
C ALA A 279 -15.85 9.65 18.12
N GLY A 280 -14.87 10.53 17.96
CA GLY A 280 -15.15 11.89 17.56
C GLY A 280 -15.33 11.91 16.04
N THR A 281 -15.53 13.11 15.47
CA THR A 281 -15.56 13.23 14.01
C THR A 281 -14.24 12.90 13.32
N PHE A 282 -14.33 12.29 12.16
CA PHE A 282 -13.15 12.13 11.34
C PHE A 282 -13.16 13.07 10.14
N PHE A 283 -14.13 13.98 10.08
CA PHE A 283 -14.20 14.95 8.97
C PHE A 283 -14.45 16.32 9.54
N TRP A 284 -13.79 17.33 8.95
CA TRP A 284 -13.95 18.72 9.39
C TRP A 284 -14.34 19.56 8.17
N SER A 285 -15.38 20.37 8.28
CA SER A 285 -15.70 21.29 7.17
C SER A 285 -14.53 22.26 7.00
N VAL A 286 -14.23 22.64 5.77
CA VAL A 286 -13.05 23.48 5.52
C VAL A 286 -13.17 24.84 6.18
N SER A 287 -14.38 25.33 6.42
CA SER A 287 -14.52 26.61 7.10
C SER A 287 -14.23 26.57 8.61
N ILE A 288 -13.97 25.40 9.18
CA ILE A 288 -13.52 25.39 10.57
C ILE A 288 -12.00 25.58 10.63
N PRO A 289 -11.54 26.68 11.25
CA PRO A 289 -10.08 26.91 11.30
C PRO A 289 -9.38 25.81 12.14
N HIS A 290 -8.11 25.57 11.82
CA HIS A 290 -7.36 24.50 12.49
C HIS A 290 -7.33 24.68 14.00
N GLU A 291 -7.20 25.93 14.42
CA GLU A 291 -7.12 26.23 15.85
C GLU A 291 -8.39 25.77 16.55
N ARG A 292 -9.54 25.91 15.88
CA ARG A 292 -10.84 25.56 16.45
C ARG A 292 -11.00 24.05 16.45
N ARG A 293 -10.43 23.36 15.47
CA ARG A 293 -10.45 21.87 15.42
C ARG A 293 -9.71 21.30 16.63
N ILE A 294 -8.51 21.84 16.87
CA ILE A 294 -7.75 21.46 18.05
C ILE A 294 -8.49 21.79 19.35
N LEU A 295 -8.98 23.01 19.49
CA LEU A 295 -9.72 23.35 20.73
C LEU A 295 -10.95 22.43 20.95
N THR A 296 -11.58 21.98 19.86
CA THR A 296 -12.78 21.14 19.99
C THR A 296 -12.44 19.72 20.47
N ILE A 297 -11.36 19.18 19.94
CA ILE A 297 -10.82 17.89 20.39
C ILE A 297 -10.53 17.96 21.88
N LEU A 298 -9.89 19.05 22.31
CA LEU A 298 -9.52 19.20 23.72
C LEU A 298 -10.73 19.36 24.64
N GLN A 299 -11.74 20.09 24.17
CA GLN A 299 -13.01 20.19 24.87
C GLN A 299 -13.71 18.81 24.98
N TRP A 300 -13.75 18.05 23.90
CA TRP A 300 -14.31 16.69 23.93
C TRP A 300 -13.58 15.80 24.94
N LEU A 301 -12.26 15.92 24.99
CA LEU A 301 -11.46 15.12 25.92
C LEU A 301 -11.77 15.46 27.38
N SER A 302 -12.29 16.66 27.61
CA SER A 302 -12.66 17.12 28.94
C SER A 302 -14.06 16.73 29.32
N LEU A 303 -14.82 16.12 28.42
CA LEU A 303 -16.17 15.67 28.76
C LEU A 303 -16.14 14.60 29.86
N PRO A 304 -17.30 14.31 30.48
CA PRO A 304 -17.37 13.27 31.49
C PRO A 304 -17.17 11.88 30.88
N ASP A 305 -16.85 10.93 31.75
CA ASP A 305 -16.54 9.55 31.37
C ASP A 305 -17.61 8.94 30.45
N ASN A 306 -18.88 9.18 30.77
CA ASN A 306 -19.97 8.62 29.97
C ASN A 306 -20.09 9.17 28.54
N GLU A 307 -19.54 10.35 28.27
CA GLU A 307 -19.69 11.02 26.97
C GLU A 307 -18.39 11.18 26.14
N ARG A 308 -17.24 11.16 26.80
CA ARG A 308 -15.96 11.42 26.12
C ARG A 308 -15.60 10.35 25.06
N PRO A 309 -15.28 10.77 23.82
CA PRO A 309 -14.74 9.83 22.85
C PRO A 309 -13.36 9.27 23.23
N SER A 310 -13.06 8.10 22.70
CA SER A 310 -11.73 7.54 22.78
C SER A 310 -10.86 7.72 21.54
N VAL A 311 -11.46 7.94 20.36
CA VAL A 311 -10.70 8.12 19.16
C VAL A 311 -11.13 9.40 18.44
N TYR A 312 -10.15 10.10 17.92
CA TYR A 312 -10.31 11.43 17.34
C TYR A 312 -9.44 11.49 16.10
N ALA A 313 -9.86 12.29 15.12
CA ALA A 313 -9.00 12.65 14.01
C ALA A 313 -8.94 14.16 13.78
N PHE A 314 -7.77 14.62 13.38
CA PHE A 314 -7.56 15.96 12.91
C PHE A 314 -7.05 15.82 11.46
N TYR A 315 -7.45 16.72 10.56
CA TYR A 315 -6.94 16.72 9.17
C TYR A 315 -6.46 18.13 8.81
N SER A 316 -5.28 18.21 8.20
CA SER A 316 -4.82 19.44 7.60
C SER A 316 -4.64 19.25 6.09
N GLU A 317 -5.21 20.20 5.37
CA GLU A 317 -5.11 20.33 3.93
CA GLU A 317 -5.09 20.30 3.92
C GLU A 317 -3.65 20.60 3.51
N GLN A 318 -2.84 21.10 4.44
CA GLN A 318 -1.44 21.41 4.16
C GLN A 318 -0.60 20.22 4.57
N PRO A 319 0.56 20.03 3.93
CA PRO A 319 1.24 20.88 2.96
C PRO A 319 0.91 20.63 1.48
N ASP A 320 -0.18 19.94 1.19
CA ASP A 320 -0.53 19.58 -0.20
C ASP A 320 -0.76 20.84 -1.04
N PHE A 321 -1.49 21.80 -0.50
CA PHE A 321 -1.91 22.93 -1.30
C PHE A 321 -0.69 23.66 -1.77
N SER A 322 0.21 23.96 -0.83
CA SER A 322 1.45 24.64 -1.17
C SER A 322 2.40 23.84 -2.05
N GLY A 323 2.47 22.53 -1.83
CA GLY A 323 3.25 21.68 -2.71
C GLY A 323 2.79 21.74 -4.16
N HIS A 324 1.48 21.76 -4.39
CA HIS A 324 0.95 21.90 -5.76
C HIS A 324 1.35 23.24 -6.37
N LYS A 325 1.20 24.31 -5.59
CA LYS A 325 1.50 25.66 -6.06
C LYS A 325 2.99 25.91 -6.28
N TYR A 326 3.83 25.44 -5.37
CA TYR A 326 5.25 25.85 -5.38
C TYR A 326 6.25 24.76 -5.67
N GLY A 327 5.82 23.52 -5.74
CA GLY A 327 6.71 22.39 -5.87
C GLY A 327 7.25 21.94 -4.52
N PRO A 328 7.64 20.67 -4.40
CA PRO A 328 8.07 20.18 -3.07
C PRO A 328 9.38 20.78 -2.61
N PHE A 329 10.20 21.31 -3.53
CA PHE A 329 11.45 21.98 -3.11
C PHE A 329 11.37 23.50 -3.04
N GLY A 330 10.19 24.07 -3.17
CA GLY A 330 10.05 25.52 -3.09
C GLY A 330 10.43 26.04 -1.70
N PRO A 331 11.11 27.20 -1.64
CA PRO A 331 11.37 27.80 -0.32
C PRO A 331 10.07 28.21 0.37
N GLU A 332 9.01 28.40 -0.41
CA GLU A 332 7.69 28.69 0.15
C GLU A 332 7.20 27.58 1.09
N MET A 333 7.71 26.37 0.93
CA MET A 333 7.24 25.20 1.70
C MET A 333 7.53 25.28 3.21
N THR A 334 8.54 26.04 3.59
CA THR A 334 8.82 26.27 5.01
C THR A 334 7.61 26.78 5.75
N ASN A 335 6.86 27.67 5.10
CA ASN A 335 5.73 28.27 5.79
C ASN A 335 4.61 27.32 6.15
N PRO A 336 4.05 26.55 5.19
CA PRO A 336 3.05 25.60 5.64
C PRO A 336 3.58 24.56 6.64
N LEU A 337 4.84 24.15 6.52
CA LEU A 337 5.41 23.18 7.48
C LEU A 337 5.49 23.78 8.90
N ARG A 338 5.87 25.05 8.98
CA ARG A 338 5.91 25.73 10.28
C ARG A 338 4.51 25.87 10.87
N GLU A 339 3.54 26.19 10.01
CA GLU A 339 2.15 26.33 10.46
C GLU A 339 1.58 25.01 10.96
N ILE A 340 1.82 23.92 10.23
CA ILE A 340 1.43 22.59 10.70
C ILE A 340 2.08 22.27 12.04
N ASP A 341 3.37 22.57 12.16
CA ASP A 341 4.04 22.32 13.41
C ASP A 341 3.46 23.12 14.58
N LYS A 342 3.06 24.36 14.32
CA LYS A 342 2.42 25.18 15.36
C LYS A 342 1.14 24.54 15.83
N THR A 343 0.38 23.97 14.90
CA THR A 343 -0.87 23.29 15.21
C THR A 343 -0.60 22.02 16.03
N VAL A 344 0.44 21.27 15.65
CA VAL A 344 0.90 20.15 16.49
C VAL A 344 1.25 20.61 17.91
N GLY A 345 1.99 21.71 18.03
CA GLY A 345 2.34 22.31 19.31
C GLY A 345 1.14 22.73 20.14
N GLN A 346 0.12 23.26 19.50
CA GLN A 346 -1.12 23.64 20.22
C GLN A 346 -1.80 22.38 20.78
N LEU A 347 -1.84 21.31 19.97
CA LEU A 347 -2.44 20.07 20.44
C LEU A 347 -1.65 19.55 21.65
N MET A 348 -0.35 19.42 21.50
CA MET A 348 0.49 18.88 22.59
C MET A 348 0.50 19.74 23.85
N ASP A 349 0.57 21.06 23.68
CA ASP A 349 0.43 21.97 24.83
C ASP A 349 -0.94 21.82 25.52
N GLY A 350 -1.98 21.72 24.71
CA GLY A 350 -3.34 21.51 25.23
C GLY A 350 -3.46 20.21 26.02
N LEU A 351 -2.93 19.13 25.46
CA LEU A 351 -2.90 17.84 26.19
C LEU A 351 -2.11 17.97 27.48
N LYS A 352 -0.97 18.63 27.39
CA LYS A 352 -0.13 18.75 28.56
C LYS A 352 -0.81 19.53 29.67
N GLN A 353 -1.54 20.58 29.34
CA GLN A 353 -2.21 21.31 30.42
C GLN A 353 -3.42 20.58 31.00
N LEU A 354 -3.95 19.61 30.26
CA LEU A 354 -5.00 18.67 30.75
C LEU A 354 -4.42 17.40 31.42
N LYS A 355 -3.09 17.33 31.50
CA LYS A 355 -2.33 16.17 31.97
C LYS A 355 -2.69 14.91 31.20
N LEU A 356 -2.81 15.06 29.90
CA LEU A 356 -3.08 13.94 29.01
C LEU A 356 -1.94 13.67 28.06
N HIS A 357 -0.83 14.42 28.19
CA HIS A 357 0.33 14.27 27.33
C HIS A 357 1.10 12.95 27.47
N ARG A 358 0.91 12.24 28.57
CA ARG A 358 1.48 10.88 28.75
C ARG A 358 0.37 9.81 28.82
N CYS A 359 -0.81 10.17 28.31
CA CYS A 359 -2.00 9.32 28.29
C CYS A 359 -2.39 8.93 26.87
N VAL A 360 -2.44 9.92 25.99
CA VAL A 360 -2.95 9.76 24.62
C VAL A 360 -1.88 9.16 23.67
N ASN A 361 -2.33 8.26 22.78
CA ASN A 361 -1.50 7.83 21.65
C ASN A 361 -1.77 8.75 20.48
N VAL A 362 -0.72 9.37 19.94
CA VAL A 362 -0.82 10.25 18.80
C VAL A 362 -0.17 9.62 17.57
N ILE A 363 -0.90 9.59 16.45
CA ILE A 363 -0.36 9.20 15.13
C ILE A 363 -0.28 10.44 14.24
N PHE A 364 0.90 10.67 13.68
CA PHE A 364 1.14 11.72 12.70
C PHE A 364 1.41 11.02 11.36
N VAL A 365 0.52 11.21 10.40
CA VAL A 365 0.53 10.38 9.20
C VAL A 365 0.05 11.22 8.02
N GLY A 366 0.63 10.97 6.84
CA GLY A 366 0.20 11.63 5.62
C GLY A 366 -0.45 10.65 4.66
N ASP A 367 -1.05 11.18 3.59
CA ASP A 367 -1.76 10.34 2.61
C ASP A 367 -0.87 9.96 1.44
N HIS A 368 0.05 10.86 1.06
CA HIS A 368 0.94 10.66 -0.07
C HIS A 368 1.94 11.82 -0.07
N GLY A 369 2.96 11.73 -0.93
CA GLY A 369 3.95 12.76 -1.08
C GLY A 369 3.63 13.75 -2.19
N MET A 370 4.68 14.26 -2.81
CA MET A 370 4.56 15.32 -3.81
C MET A 370 5.79 15.32 -4.68
N GLU A 371 5.57 15.48 -5.98
CA GLU A 371 6.61 15.45 -6.96
C GLU A 371 6.64 16.78 -7.71
N ASP A 372 7.79 17.08 -8.28
CA ASP A 372 8.00 18.20 -9.21
C ASP A 372 7.31 17.95 -10.54
N VAL A 373 6.23 18.68 -10.82
CA VAL A 373 5.46 18.48 -12.07
C VAL A 373 5.00 19.84 -12.58
N THR A 374 5.24 20.14 -13.86
CA THR A 374 4.81 21.40 -14.54
C THR A 374 4.06 21.16 -15.86
N CYS A 375 3.40 22.23 -16.34
CA CYS A 375 2.61 22.31 -17.59
C CYS A 375 3.36 21.76 -18.78
N ASP A 376 4.63 22.13 -18.84
CA ASP A 376 5.50 21.82 -19.95
C ASP A 376 5.82 20.33 -20.11
N ARG A 377 5.76 19.57 -19.03
CA ARG A 377 5.99 18.12 -19.07
C ARG A 377 4.65 17.37 -19.19
N THR A 378 4.01 17.55 -20.33
CA THR A 378 2.73 16.92 -20.56
C THR A 378 2.78 16.21 -21.90
N GLU A 379 2.41 14.93 -21.91
CA GLU A 379 2.17 14.16 -23.15
C GLU A 379 0.71 14.30 -23.54
N PHE A 380 0.44 14.29 -24.83
CA PHE A 380 -0.91 14.48 -25.32
C PHE A 380 -1.38 13.29 -26.16
N LEU A 381 -2.53 12.73 -25.80
CA LEU A 381 -3.10 11.59 -26.53
C LEU A 381 -3.35 11.88 -28.00
N SER A 382 -3.64 13.16 -28.33
CA SER A 382 -3.87 13.59 -29.73
C SER A 382 -2.68 13.32 -30.66
N ASN A 383 -1.48 13.20 -30.09
CA ASN A 383 -0.28 12.88 -30.86
C ASN A 383 -0.15 11.41 -31.21
N TYR A 384 -1.01 10.59 -30.60
CA TYR A 384 -0.96 9.16 -30.78
C TYR A 384 -2.23 8.60 -31.45
N LEU A 385 -3.36 9.25 -31.21
CA LEU A 385 -4.68 8.69 -31.54
C LEU A 385 -5.42 9.55 -32.52
N THR A 386 -6.13 8.89 -33.44
CA THR A 386 -6.88 9.57 -34.49
C THR A 386 -8.10 10.27 -33.97
N ASN A 387 -8.75 9.70 -32.96
CA ASN A 387 -10.01 10.27 -32.53
C ASN A 387 -10.20 10.37 -31.03
N VAL A 388 -9.50 11.34 -30.43
CA VAL A 388 -9.65 11.64 -29.00
C VAL A 388 -11.01 12.24 -28.64
N ASP A 389 -11.82 12.59 -29.64
CA ASP A 389 -13.22 12.97 -29.40
C ASP A 389 -14.08 11.82 -28.91
N ASP A 390 -13.74 10.58 -29.28
CA ASP A 390 -14.50 9.40 -28.86
C ASP A 390 -14.28 9.00 -27.42
N ILE A 391 -13.29 9.56 -26.73
CA ILE A 391 -12.95 9.05 -25.40
C ILE A 391 -12.98 10.09 -24.32
N THR A 392 -13.19 9.61 -23.10
CA THR A 392 -13.02 10.37 -21.89
C THR A 392 -11.72 9.93 -21.21
N LEU A 393 -10.88 10.90 -20.81
CA LEU A 393 -9.64 10.63 -20.08
C LEU A 393 -9.68 11.22 -18.70
N VAL A 394 -9.46 10.40 -17.67
CA VAL A 394 -9.06 10.89 -16.35
C VAL A 394 -7.56 11.20 -16.47
N PRO A 395 -7.18 12.49 -16.48
CA PRO A 395 -5.84 12.91 -16.85
C PRO A 395 -4.93 13.19 -15.66
N GLY A 396 -3.71 13.62 -15.95
CA GLY A 396 -2.74 14.03 -14.96
C GLY A 396 -1.61 13.03 -14.76
N THR A 397 -1.43 12.63 -13.51
CA THR A 397 -0.32 11.80 -13.10
C THR A 397 -0.65 10.31 -13.26
N LEU A 398 -1.85 10.02 -13.75
CA LEU A 398 -2.23 8.72 -14.25
C LEU A 398 -3.22 8.95 -15.37
N GLY A 399 -3.52 7.90 -16.11
CA GLY A 399 -4.49 7.95 -17.18
C GLY A 399 -5.52 6.83 -17.00
N ARG A 400 -6.80 7.14 -17.09
CA ARG A 400 -7.81 6.09 -17.25
C ARG A 400 -8.68 6.54 -18.39
N ILE A 401 -8.87 5.63 -19.33
CA ILE A 401 -9.62 5.91 -20.54
C ILE A 401 -10.90 5.10 -20.59
N ARG A 402 -11.99 5.73 -21.02
CA ARG A 402 -13.21 5.01 -21.36
C ARG A 402 -13.89 5.72 -22.54
N PRO A 403 -14.86 5.07 -23.17
CA PRO A 403 -15.54 5.75 -24.27
C PRO A 403 -16.32 6.95 -23.74
N LYS A 404 -16.39 8.01 -24.54
CA LYS A 404 -17.15 9.21 -24.16
C LYS A 404 -18.62 8.83 -23.94
N ILE A 405 -19.17 8.04 -24.85
CA ILE A 405 -20.50 7.46 -24.68
C ILE A 405 -20.38 6.08 -24.00
N PRO A 406 -20.90 5.94 -22.76
CA PRO A 406 -20.84 4.63 -22.09
C PRO A 406 -21.42 3.51 -22.95
N ASN A 407 -20.83 2.33 -22.87
CA ASN A 407 -21.21 1.17 -23.69
C ASN A 407 -20.96 1.28 -25.21
N ASN A 408 -20.44 2.41 -25.71
CA ASN A 408 -20.23 2.56 -27.15
C ASN A 408 -19.67 1.26 -27.72
N LEU A 409 -20.46 0.59 -28.55
CA LEU A 409 -20.09 -0.74 -29.02
C LEU A 409 -18.87 -0.70 -29.96
N LYS A 410 -18.62 0.44 -30.59
CA LYS A 410 -17.42 0.64 -31.41
C LYS A 410 -16.17 1.08 -30.59
N TYR A 411 -16.23 0.98 -29.27
CA TYR A 411 -15.06 1.22 -28.42
C TYR A 411 -14.16 0.00 -28.41
N ASP A 412 -12.92 0.18 -28.87
CA ASP A 412 -11.98 -0.92 -29.04
C ASP A 412 -10.65 -0.66 -28.30
N PRO A 413 -10.53 -1.11 -27.04
CA PRO A 413 -9.34 -0.74 -26.28
C PRO A 413 -8.04 -1.43 -26.76
N LYS A 414 -8.18 -2.50 -27.53
CA LYS A 414 -7.03 -3.18 -28.15
C LYS A 414 -6.28 -2.23 -29.05
N ALA A 415 -7.00 -1.65 -30.00
CA ALA A 415 -6.44 -0.78 -31.01
C ALA A 415 -6.01 0.55 -30.42
N ILE A 416 -6.68 1.00 -29.36
CA ILE A 416 -6.23 2.18 -28.66
C ILE A 416 -4.88 1.87 -28.03
N ILE A 417 -4.77 0.72 -27.36
CA ILE A 417 -3.52 0.38 -26.69
C ILE A 417 -2.39 0.24 -27.72
N ALA A 418 -2.67 -0.36 -28.87
CA ALA A 418 -1.65 -0.55 -29.92
C ALA A 418 -1.10 0.81 -30.34
N ASN A 419 -2.00 1.77 -30.54
CA ASN A 419 -1.59 3.09 -30.98
C ASN A 419 -0.87 3.92 -29.91
N LEU A 420 -0.95 3.49 -28.65
CA LEU A 420 -0.22 4.15 -27.55
C LEU A 420 1.09 3.46 -27.17
N THR A 421 1.44 2.37 -27.83
CA THR A 421 2.55 1.52 -27.40
C THR A 421 3.86 1.88 -28.13
N CYS A 422 4.83 2.39 -27.35
CA CYS A 422 6.19 2.65 -27.83
C CYS A 422 6.25 3.42 -29.14
N LYS A 423 5.60 4.58 -29.18
CA LYS A 423 5.54 5.36 -30.41
C LYS A 423 6.62 6.40 -30.49
N LYS A 424 7.16 6.85 -29.37
CA LYS A 424 8.33 7.70 -29.40
C LYS A 424 9.39 7.26 -28.39
N PRO A 425 10.68 7.46 -28.74
CA PRO A 425 11.78 6.94 -27.91
C PRO A 425 11.74 7.45 -26.45
N ASP A 426 11.36 8.70 -26.23
CA ASP A 426 11.36 9.26 -24.86
C ASP A 426 10.03 9.08 -24.07
N GLN A 427 9.10 8.33 -24.64
CA GLN A 427 7.68 8.41 -24.26
C GLN A 427 7.47 8.37 -22.73
N HIS A 428 6.75 9.33 -22.18
CA HIS A 428 6.64 9.44 -20.70
C HIS A 428 5.33 8.88 -20.11
N PHE A 429 4.73 7.92 -20.81
CA PHE A 429 3.70 7.09 -20.19
C PHE A 429 3.71 5.74 -20.88
N LYS A 430 3.07 4.77 -20.23
CA LYS A 430 2.92 3.44 -20.79
C LYS A 430 1.48 2.90 -20.61
N PRO A 431 0.87 2.43 -21.69
CA PRO A 431 -0.50 1.90 -21.67
C PRO A 431 -0.54 0.47 -21.14
N TYR A 432 -1.57 0.15 -20.39
CA TYR A 432 -1.82 -1.21 -19.88
C TYR A 432 -3.33 -1.49 -19.91
N MET A 433 -3.75 -2.69 -20.31
CA MET A 433 -5.01 -3.25 -19.83
C MET A 433 -4.84 -3.46 -18.33
N LYS A 434 -5.87 -3.18 -17.54
CA LYS A 434 -5.67 -3.13 -16.09
C LYS A 434 -5.13 -4.44 -15.51
N GLN A 435 -5.53 -5.55 -16.10
CA GLN A 435 -5.08 -6.87 -15.65
C GLN A 435 -3.58 -7.10 -15.85
N HIS A 436 -2.97 -6.26 -16.68
CA HIS A 436 -1.54 -6.34 -16.95
C HIS A 436 -0.68 -5.39 -16.12
N LEU A 437 -1.31 -4.52 -15.31
CA LEU A 437 -0.55 -3.67 -14.40
C LEU A 437 0.19 -4.55 -13.40
N PRO A 438 1.34 -4.09 -12.89
CA PRO A 438 2.06 -4.82 -11.83
C PRO A 438 1.11 -5.21 -10.72
N LYS A 439 1.18 -6.46 -10.31
CA LYS A 439 0.25 -7.00 -9.32
C LYS A 439 0.39 -6.36 -7.94
N ARG A 440 1.59 -5.85 -7.65
CA ARG A 440 1.85 -5.07 -6.43
C ARG A 440 0.96 -3.82 -6.27
N LEU A 441 0.43 -3.28 -7.37
CA LEU A 441 -0.50 -2.16 -7.33
C LEU A 441 -1.91 -2.53 -6.88
N HIS A 442 -2.28 -3.80 -7.02
CA HIS A 442 -3.62 -4.29 -6.65
C HIS A 442 -4.71 -3.38 -7.19
N TYR A 443 -4.63 -3.06 -8.48
CA TYR A 443 -5.46 -2.01 -9.07
C TYR A 443 -6.16 -2.52 -10.31
N ALA A 444 -7.08 -3.45 -10.11
CA ALA A 444 -7.85 -3.99 -11.21
C ALA A 444 -9.26 -4.44 -10.86
N ASN A 445 -9.47 -4.99 -9.66
CA ASN A 445 -10.73 -5.71 -9.37
C ASN A 445 -11.84 -4.81 -8.87
N ASN A 446 -12.27 -3.89 -9.71
CA ASN A 446 -13.39 -3.02 -9.40
C ASN A 446 -13.93 -2.49 -10.69
N ARG A 447 -15.24 -2.56 -10.86
CA ARG A 447 -15.89 -2.03 -12.04
C ARG A 447 -15.64 -0.55 -12.32
N ARG A 448 -15.24 0.20 -11.30
CA ARG A 448 -14.94 1.64 -11.45
C ARG A 448 -13.54 1.92 -12.00
N ILE A 449 -12.69 0.88 -12.12
CA ILE A 449 -11.36 1.03 -12.73
C ILE A 449 -11.51 0.69 -14.20
N GLU A 450 -11.29 1.68 -15.04
CA GLU A 450 -11.41 1.47 -16.50
C GLU A 450 -10.40 0.40 -16.96
N ASP A 451 -10.79 -0.40 -17.96
CA ASP A 451 -9.93 -1.42 -18.57
C ASP A 451 -8.59 -0.86 -19.03
N LEU A 452 -8.62 0.33 -19.60
CA LEU A 452 -7.41 0.91 -20.18
C LEU A 452 -6.78 1.95 -19.24
N HIS A 453 -5.53 1.70 -18.85
CA HIS A 453 -4.81 2.52 -17.89
C HIS A 453 -3.49 2.99 -18.47
N LEU A 454 -3.05 4.21 -18.12
CA LEU A 454 -1.74 4.73 -18.44
C LEU A 454 -0.97 4.99 -17.14
N LEU A 455 0.16 4.31 -16.99
CA LEU A 455 1.11 4.60 -15.92
C LEU A 455 2.00 5.72 -16.43
N VAL A 456 2.04 6.83 -15.70
CA VAL A 456 2.76 8.01 -16.15
C VAL A 456 4.10 8.08 -15.42
N GLU A 457 5.14 8.42 -16.17
CA GLU A 457 6.46 8.65 -15.59
C GLU A 457 6.47 9.78 -14.56
N ARG A 458 7.21 9.53 -13.47
CA ARG A 458 7.34 10.56 -12.43
C ARG A 458 7.78 11.86 -13.10
N ARG A 459 7.20 12.96 -12.63
CA ARG A 459 7.48 14.31 -13.09
C ARG A 459 6.68 14.75 -14.32
N TRP A 460 5.89 13.81 -14.87
CA TRP A 460 5.08 14.09 -16.08
C TRP A 460 3.57 14.06 -15.84
N HIS A 461 2.86 14.64 -16.80
CA HIS A 461 1.43 14.56 -16.92
C HIS A 461 1.02 13.93 -18.27
N VAL A 462 -0.16 13.36 -18.30
CA VAL A 462 -0.80 13.05 -19.58
C VAL A 462 -2.08 13.86 -19.69
N ALA A 463 -2.39 14.28 -20.90
CA ALA A 463 -3.62 14.97 -21.19
C ALA A 463 -4.12 14.55 -22.55
N ARG A 464 -5.36 14.88 -22.84
CA ARG A 464 -5.96 14.53 -24.16
C ARG A 464 -5.37 15.31 -25.32
N LYS A 465 -5.18 16.62 -25.13
CA LYS A 465 -4.70 17.47 -26.24
C LYS A 465 -4.04 18.75 -25.74
N PRO A 466 -3.21 19.38 -26.59
CA PRO A 466 -2.37 20.49 -26.11
C PRO A 466 -3.12 21.61 -25.38
N LEU A 467 -4.34 21.92 -25.81
CA LEU A 467 -5.10 23.03 -25.22
C LEU A 467 -5.72 22.74 -23.88
N ASP A 468 -5.69 21.49 -23.44
CA ASP A 468 -6.10 21.18 -22.08
C ASP A 468 -5.12 21.76 -21.08
N VAL A 469 -3.90 22.06 -21.54
CA VAL A 469 -2.89 22.71 -20.69
C VAL A 469 -2.99 24.24 -20.88
N TYR A 470 -2.98 24.98 -19.78
CA TYR A 470 -2.98 26.46 -19.86
C TYR A 470 -1.82 27.05 -19.05
N LYS A 471 -1.06 27.93 -19.71
CA LYS A 471 0.01 28.70 -19.07
C LYS A 471 -0.31 30.18 -19.27
N LYS A 472 0.07 31.01 -18.31
CA LYS A 472 -0.14 32.44 -18.46
C LYS A 472 0.77 32.95 -19.58
N PRO A 473 0.42 34.08 -20.21
CA PRO A 473 1.26 34.59 -21.33
C PRO A 473 2.72 34.86 -20.95
N SER A 474 2.97 35.03 -19.64
CA SER A 474 4.31 35.20 -19.08
C SER A 474 5.16 33.92 -19.11
N GLY A 475 4.53 32.78 -19.40
CA GLY A 475 5.21 31.48 -19.41
C GLY A 475 5.00 30.70 -18.13
N LYS A 476 4.32 31.30 -17.16
CA LYS A 476 4.12 30.70 -15.84
C LYS A 476 2.99 29.64 -15.86
N CYS A 477 3.26 28.50 -15.22
CA CYS A 477 2.26 27.45 -15.07
C CYS A 477 1.53 27.67 -13.75
N PHE A 478 0.28 27.22 -13.62
CA PHE A 478 -0.43 27.45 -12.35
C PHE A 478 -0.07 26.46 -11.22
N PHE A 479 0.74 25.44 -11.52
CA PHE A 479 1.14 24.45 -10.52
C PHE A 479 2.58 24.04 -10.81
N GLN A 480 3.29 23.60 -9.77
CA GLN A 480 4.66 23.10 -9.88
C GLN A 480 4.84 21.75 -9.16
N GLY A 481 3.77 21.25 -8.54
CA GLY A 481 3.83 19.96 -7.86
C GLY A 481 2.61 19.14 -8.17
N ASP A 482 2.77 17.82 -8.23
CA ASP A 482 1.60 16.93 -8.26
C ASP A 482 1.97 15.53 -7.75
N HIS A 483 0.97 14.70 -7.58
CA HIS A 483 1.15 13.36 -7.04
C HIS A 483 0.07 12.51 -7.67
N GLY A 484 0.16 11.21 -7.50
CA GLY A 484 -0.75 10.28 -8.17
C GLY A 484 -0.02 9.07 -8.75
N PHE A 485 1.27 9.23 -8.99
CA PHE A 485 2.14 8.22 -9.60
C PHE A 485 2.24 6.89 -8.82
N ASP A 486 2.76 5.90 -9.54
CA ASP A 486 3.15 4.60 -9.01
C ASP A 486 3.59 4.71 -7.56
N ASN A 487 3.01 3.89 -6.69
CA ASN A 487 3.30 4.04 -5.27
C ASN A 487 4.69 3.59 -4.78
N LYS A 488 5.56 3.07 -5.64
CA LYS A 488 6.94 2.82 -5.20
C LYS A 488 7.90 3.98 -5.45
N VAL A 489 7.43 5.03 -6.12
CA VAL A 489 8.23 6.23 -6.43
C VAL A 489 8.58 6.99 -5.16
N ASN A 490 9.85 7.31 -4.99
CA ASN A 490 10.34 7.94 -3.77
C ASN A 490 9.58 9.19 -3.39
N SER A 491 9.32 10.04 -4.37
CA SER A 491 8.65 11.29 -4.09
C SER A 491 7.24 11.10 -3.57
N MET A 492 6.59 9.95 -3.83
CA MET A 492 5.22 9.67 -3.39
C MET A 492 5.14 9.15 -1.95
N GLN A 493 6.28 8.81 -1.37
CA GLN A 493 6.30 8.25 -0.03
C GLN A 493 5.91 9.34 0.96
N THR A 494 5.30 8.92 2.07
CA THR A 494 4.81 9.86 3.05
C THR A 494 5.30 9.46 4.46
N VAL A 495 4.73 10.09 5.49
CA VAL A 495 5.26 9.97 6.84
C VAL A 495 4.41 9.11 7.76
N PHE A 496 5.10 8.49 8.73
CA PHE A 496 4.47 7.86 9.86
C PHE A 496 5.28 8.07 11.13
N VAL A 497 4.61 8.63 12.12
CA VAL A 497 5.11 8.68 13.49
C VAL A 497 4.01 8.25 14.44
N GLY A 498 4.38 7.46 15.45
CA GLY A 498 3.46 7.08 16.51
C GLY A 498 4.12 7.43 17.83
N TYR A 499 3.39 8.15 18.69
CA TYR A 499 3.92 8.60 19.96
C TYR A 499 2.88 8.37 21.08
N GLY A 500 3.30 7.75 22.17
CA GLY A 500 2.46 7.57 23.34
C GLY A 500 2.76 6.28 24.09
N PRO A 501 1.94 5.97 25.12
CA PRO A 501 2.24 4.82 26.00
C PRO A 501 2.28 3.47 25.29
N THR A 502 1.47 3.32 24.25
CA THR A 502 1.35 2.03 23.59
C THR A 502 2.43 1.82 22.48
N PHE A 503 2.93 2.92 21.91
CA PHE A 503 4.03 2.89 20.94
C PHE A 503 5.36 2.73 21.67
N LYS A 504 6.37 2.16 21.03
CA LYS A 504 7.71 2.12 21.62
C LYS A 504 8.33 3.51 21.70
N TYR A 505 9.30 3.63 22.59
CA TYR A 505 10.09 4.84 22.82
C TYR A 505 11.32 4.80 21.92
N ARG A 506 11.64 5.93 21.30
CA ARG A 506 12.85 6.11 20.48
C ARG A 506 13.18 4.91 19.59
N THR A 507 12.25 4.57 18.71
CA THR A 507 12.38 3.35 17.91
C THR A 507 12.15 3.68 16.45
N LYS A 508 13.12 3.33 15.62
CA LYS A 508 13.00 3.48 14.18
C LYS A 508 12.62 2.14 13.62
N VAL A 509 11.57 2.06 12.83
CA VAL A 509 11.15 0.78 12.27
C VAL A 509 11.29 0.83 10.75
N PRO A 510 11.32 -0.34 10.09
CA PRO A 510 11.37 -0.35 8.62
C PRO A 510 10.17 0.32 7.95
N PRO A 511 10.36 0.87 6.74
CA PRO A 511 9.23 1.38 5.96
C PRO A 511 8.14 0.31 5.82
N PHE A 512 6.89 0.70 5.88
CA PHE A 512 5.78 -0.24 5.76
C PHE A 512 4.69 0.42 4.93
N GLU A 513 3.69 -0.37 4.56
CA GLU A 513 2.59 0.08 3.70
C GLU A 513 1.39 0.57 4.54
N ASN A 514 0.71 1.60 4.05
CA ASN A 514 -0.38 2.20 4.80
C ASN A 514 -1.59 1.26 5.01
N ILE A 515 -1.72 0.20 4.21
CA ILE A 515 -2.75 -0.82 4.46
C ILE A 515 -2.62 -1.52 5.81
N GLU A 516 -1.43 -1.46 6.43
CA GLU A 516 -1.19 -2.13 7.70
C GLU A 516 -1.67 -1.35 8.93
N LEU A 517 -1.93 -0.04 8.74
CA LEU A 517 -2.20 0.82 9.89
C LEU A 517 -3.53 0.55 10.57
N TYR A 518 -4.55 0.23 9.79
CA TYR A 518 -5.86 -0.04 10.38
C TYR A 518 -5.79 -1.09 11.48
N ASN A 519 -5.11 -2.23 11.25
CA ASN A 519 -4.97 -3.23 12.30
C ASN A 519 -4.29 -2.65 13.55
N VAL A 520 -3.26 -1.84 13.36
CA VAL A 520 -2.56 -1.23 14.47
C VAL A 520 -3.48 -0.26 15.24
N MET A 521 -4.27 0.53 14.52
CA MET A 521 -5.20 1.45 15.19
C MET A 521 -6.27 0.69 15.99
N CYS A 522 -6.71 -0.44 15.44
CA CYS A 522 -7.61 -1.32 16.19
C CYS A 522 -6.93 -1.85 17.45
N ASP A 523 -5.71 -2.35 17.32
CA ASP A 523 -4.92 -2.80 18.48
C ASP A 523 -4.82 -1.72 19.59
N LEU A 524 -4.51 -0.50 19.20
CA LEU A 524 -4.39 0.62 20.13
C LEU A 524 -5.65 0.94 20.88
N LEU A 525 -6.81 0.56 20.33
CA LEU A 525 -8.09 0.81 20.95
C LEU A 525 -8.76 -0.44 21.47
N GLY A 526 -8.09 -1.58 21.43
CA GLY A 526 -8.68 -2.84 21.89
C GLY A 526 -9.82 -3.35 21.02
N LEU A 527 -9.78 -3.02 19.73
CA LEU A 527 -10.80 -3.45 18.76
C LEU A 527 -10.40 -4.67 17.94
N LYS A 528 -11.38 -5.50 17.63
CA LYS A 528 -11.24 -6.55 16.61
C LYS A 528 -11.37 -5.92 15.21
N PRO A 529 -10.31 -6.01 14.39
CA PRO A 529 -10.41 -5.39 13.06
C PRO A 529 -11.42 -6.11 12.15
N ALA A 530 -12.13 -5.36 11.31
CA ALA A 530 -12.89 -5.98 10.21
C ALA A 530 -11.88 -6.62 9.23
N PRO A 531 -12.31 -7.64 8.47
CA PRO A 531 -11.40 -8.28 7.48
C PRO A 531 -10.77 -7.25 6.59
N ASN A 532 -9.44 -7.25 6.46
CA ASN A 532 -8.79 -6.27 5.61
C ASN A 532 -7.51 -6.79 4.94
N ASN A 533 -6.79 -5.92 4.24
CA ASN A 533 -5.63 -6.34 3.44
C ASN A 533 -4.30 -6.23 4.16
N GLY A 534 -4.30 -5.70 5.39
CA GLY A 534 -3.14 -5.72 6.24
C GLY A 534 -2.85 -7.18 6.62
N THR A 535 -1.68 -7.40 7.19
CA THR A 535 -1.26 -8.69 7.64
C THR A 535 -1.07 -8.51 9.16
N HIS A 536 -2.05 -8.99 9.90
CA HIS A 536 -2.10 -8.66 11.31
C HIS A 536 -0.96 -9.34 12.10
N GLY A 537 -0.14 -8.52 12.77
CA GLY A 537 1.10 -9.01 13.43
C GLY A 537 2.36 -8.49 12.77
N SER A 538 2.26 -8.06 11.53
CA SER A 538 3.47 -7.58 10.78
C SER A 538 4.03 -6.27 11.33
N LEU A 539 3.22 -5.54 12.08
CA LEU A 539 3.67 -4.29 12.72
C LEU A 539 3.69 -4.41 14.23
N ASN A 540 3.74 -5.63 14.78
CA ASN A 540 3.79 -5.76 16.24
C ASN A 540 5.06 -5.09 16.82
N HIS A 541 6.08 -4.91 15.98
CA HIS A 541 7.33 -4.34 16.45
C HIS A 541 7.26 -2.82 16.60
N LEU A 542 6.16 -2.19 16.20
CA LEU A 542 5.91 -0.78 16.51
C LEU A 542 5.42 -0.54 17.96
N LEU A 543 4.93 -1.59 18.61
CA LEU A 543 4.19 -1.44 19.85
C LEU A 543 4.92 -2.00 21.05
N ARG A 544 4.77 -1.29 22.16
CA ARG A 544 5.25 -1.78 23.47
C ARG A 544 4.31 -2.83 24.02
N THR A 545 3.01 -2.66 23.83
CA THR A 545 1.98 -3.62 24.31
C THR A 545 0.76 -3.59 23.38
N ASN A 546 -0.30 -4.33 23.73
CA ASN A 546 -1.47 -4.53 22.86
C ASN A 546 -1.11 -5.24 21.56
N THR A 547 -0.03 -6.02 21.55
CA THR A 547 0.36 -6.70 20.32
C THR A 547 -0.68 -7.81 20.04
N PHE A 548 -0.85 -8.10 18.77
CA PHE A 548 -1.75 -9.15 18.36
C PHE A 548 -0.89 -10.38 18.26
N ARG A 549 -1.29 -11.47 18.90
CA ARG A 549 -0.50 -12.68 18.87
C ARG A 549 -0.99 -13.54 17.69
N PRO A 550 -0.28 -13.51 16.55
CA PRO A 550 -0.79 -14.17 15.35
C PRO A 550 -0.57 -15.67 15.36
N THR A 551 -1.39 -16.39 14.59
CA THR A 551 -1.28 -17.84 14.54
C THR A 551 -1.02 -18.30 13.10
N LEU A 552 -0.15 -19.30 12.97
CA LEU A 552 0.15 -19.94 11.69
C LEU A 552 -1.15 -20.47 11.09
N PRO A 553 -1.43 -20.21 9.80
CA PRO A 553 -2.63 -20.81 9.24
C PRO A 553 -2.48 -22.33 9.16
N GLU A 554 -3.55 -23.07 9.43
CA GLU A 554 -3.43 -24.51 9.43
C GLU A 554 -3.37 -25.05 8.00
N GLU A 555 -2.46 -25.98 7.75
CA GLU A 555 -2.34 -26.60 6.44
C GLU A 555 -3.62 -27.40 6.15
N VAL A 556 -4.15 -27.22 4.95
CA VAL A 556 -5.43 -27.82 4.58
C VAL A 556 -5.24 -29.15 3.87
N SER A 557 -4.35 -29.20 2.89
CA SER A 557 -4.03 -30.42 2.17
C SER A 557 -2.65 -30.98 2.51
N ARG A 558 -2.62 -32.27 2.73
CA ARG A 558 -1.44 -33.01 3.11
C ARG A 558 -0.80 -33.50 1.80
N PRO A 559 0.52 -33.35 1.66
CA PRO A 559 1.18 -33.87 0.46
C PRO A 559 1.20 -35.38 0.41
N ASN A 560 1.13 -35.95 -0.79
CA ASN A 560 1.49 -37.34 -1.03
C ASN A 560 2.99 -37.40 -1.35
N TYR A 561 3.64 -38.51 -0.98
CA TYR A 561 5.06 -38.72 -1.29
C TYR A 561 5.19 -39.99 -2.11
N PRO A 562 5.00 -39.88 -3.43
CA PRO A 562 4.95 -41.05 -4.29
C PRO A 562 6.32 -41.63 -4.61
N GLY A 563 6.41 -42.96 -4.59
CA GLY A 563 7.58 -43.67 -5.05
C GLY A 563 7.43 -44.00 -6.52
N ILE A 564 8.35 -44.82 -7.03
CA ILE A 564 8.40 -45.15 -8.44
C ILE A 564 7.26 -46.08 -8.87
N MET A 565 6.49 -45.65 -9.87
CA MET A 565 5.36 -46.41 -10.41
C MET A 565 5.62 -46.78 -11.87
N GLY A 574 3.73 -37.82 -25.83
CA GLY A 574 4.54 -38.02 -27.03
C GLY A 574 5.86 -37.28 -26.99
N CYS A 575 6.60 -37.49 -25.91
CA CYS A 575 7.89 -36.82 -25.69
C CYS A 575 9.04 -37.82 -25.74
N THR A 576 10.19 -37.36 -26.23
CA THR A 576 11.42 -38.16 -26.16
C THR A 576 12.62 -37.31 -25.78
N CYS A 577 13.77 -37.96 -25.64
CA CYS A 577 14.99 -37.33 -25.18
C CYS A 577 16.22 -38.08 -25.67
N ASP A 578 17.35 -37.36 -25.75
CA ASP A 578 18.60 -37.83 -26.37
C ASP A 578 18.42 -37.91 -27.89
N GLY A 598 15.00 -37.31 0.34
CA GLY A 598 16.26 -37.79 0.93
C GLY A 598 16.87 -36.70 1.79
N SER A 599 18.00 -36.16 1.36
CA SER A 599 18.59 -34.98 2.00
C SER A 599 18.53 -33.76 1.07
N THR A 600 17.52 -33.73 0.20
CA THR A 600 17.23 -32.59 -0.67
C THR A 600 16.62 -31.47 0.18
N GLU A 601 15.52 -31.81 0.86
CA GLU A 601 14.94 -31.05 1.98
C GLU A 601 15.94 -30.25 2.84
N GLU A 602 17.05 -30.87 3.21
CA GLU A 602 18.11 -30.24 4.04
C GLU A 602 18.79 -29.02 3.39
N ARG A 603 19.07 -29.11 2.08
CA ARG A 603 19.85 -28.09 1.35
C ARG A 603 18.97 -27.13 0.53
N HIS A 604 17.89 -27.66 -0.03
CA HIS A 604 17.11 -26.95 -1.04
C HIS A 604 15.82 -26.32 -0.53
N LEU A 605 15.38 -26.76 0.64
CA LEU A 605 14.13 -26.33 1.24
C LEU A 605 14.47 -25.83 2.64
N LEU A 606 14.79 -24.55 2.72
CA LEU A 606 15.50 -24.03 3.87
C LEU A 606 14.59 -23.55 5.00
N TYR A 607 13.31 -23.32 4.68
CA TYR A 607 12.39 -22.71 5.63
C TYR A 607 11.12 -23.56 5.80
N GLY A 608 11.23 -24.86 5.52
CA GLY A 608 10.13 -25.81 5.61
C GLY A 608 9.31 -25.86 4.32
N ARG A 609 8.50 -26.89 4.16
CA ARG A 609 7.64 -26.93 2.98
C ARG A 609 6.57 -25.84 3.11
N PRO A 610 6.25 -25.16 2.02
CA PRO A 610 5.09 -24.25 2.05
C PRO A 610 3.84 -25.06 2.38
N ALA A 611 2.88 -24.47 3.08
CA ALA A 611 1.63 -25.14 3.38
C ALA A 611 0.62 -24.80 2.30
N VAL A 612 -0.12 -25.81 1.86
CA VAL A 612 -1.20 -25.58 0.91
C VAL A 612 -2.48 -25.34 1.70
N LEU A 613 -3.07 -24.16 1.52
CA LEU A 613 -4.19 -23.69 2.36
C LEU A 613 -5.56 -23.87 1.70
N TYR A 614 -5.65 -24.72 0.70
CA TYR A 614 -6.92 -25.08 0.09
C TYR A 614 -6.92 -26.58 -0.18
N ARG A 615 -8.10 -27.11 -0.48
CA ARG A 615 -8.26 -28.54 -0.72
C ARG A 615 -7.80 -28.87 -2.13
N THR A 616 -6.80 -29.74 -2.24
CA THR A 616 -6.26 -30.16 -3.54
C THR A 616 -5.46 -31.46 -3.37
N SER A 617 -4.98 -31.99 -4.50
CA SER A 617 -4.15 -33.19 -4.52
CA SER A 617 -4.14 -33.20 -4.52
C SER A 617 -2.77 -32.85 -5.11
N TYR A 618 -1.72 -33.06 -4.33
CA TYR A 618 -0.37 -32.78 -4.80
C TYR A 618 0.72 -33.69 -4.21
N ASP A 619 1.85 -33.76 -4.91
CA ASP A 619 2.97 -34.68 -4.59
C ASP A 619 4.22 -33.89 -4.29
N ILE A 620 4.99 -34.32 -3.30
CA ILE A 620 6.32 -33.80 -3.08
C ILE A 620 7.32 -34.61 -3.89
N LEU A 621 8.17 -33.90 -4.64
CA LEU A 621 9.15 -34.53 -5.49
C LEU A 621 10.57 -34.06 -5.14
N TYR A 622 11.45 -35.01 -4.79
CA TYR A 622 12.85 -34.71 -4.45
C TYR A 622 13.78 -34.95 -5.63
N HIS A 623 14.81 -34.11 -5.73
CA HIS A 623 15.85 -34.31 -6.74
C HIS A 623 17.14 -33.85 -6.13
N THR A 624 18.26 -34.17 -6.78
CA THR A 624 19.56 -33.75 -6.26
C THR A 624 19.58 -32.22 -6.07
N ASP A 625 19.04 -31.49 -7.05
CA ASP A 625 19.22 -30.03 -7.11
C ASP A 625 18.01 -29.19 -6.70
N PHE A 626 16.84 -29.82 -6.52
CA PHE A 626 15.61 -29.11 -6.23
C PHE A 626 14.52 -29.99 -5.70
N GLU A 627 13.53 -29.34 -5.09
CA GLU A 627 12.35 -30.00 -4.58
C GLU A 627 11.12 -29.26 -5.06
N SER A 628 10.03 -29.99 -5.32
CA SER A 628 8.81 -29.39 -5.81
C SER A 628 7.56 -29.96 -5.18
N GLY A 629 6.52 -29.14 -5.16
CA GLY A 629 5.18 -29.53 -4.79
C GLY A 629 4.39 -29.56 -6.09
N TYR A 630 4.11 -30.77 -6.57
CA TYR A 630 3.47 -30.99 -7.87
C TYR A 630 1.95 -31.23 -7.80
N SER A 631 1.20 -30.40 -8.51
CA SER A 631 -0.27 -30.42 -8.48
C SER A 631 -0.84 -31.35 -9.54
N GLU A 632 -1.65 -32.32 -9.09
CA GLU A 632 -2.29 -33.28 -10.00
C GLU A 632 -3.48 -32.64 -10.71
N ILE A 633 -3.96 -31.53 -10.16
CA ILE A 633 -5.08 -30.80 -10.75
C ILE A 633 -4.56 -29.86 -11.86
N PHE A 634 -3.49 -29.12 -11.58
CA PHE A 634 -2.93 -28.18 -12.56
C PHE A 634 -1.81 -28.77 -13.44
N LEU A 635 -1.43 -30.03 -13.17
CA LEU A 635 -0.42 -30.73 -13.95
C LEU A 635 0.96 -30.06 -13.98
N MET A 636 1.29 -29.34 -12.90
CA MET A 636 2.56 -28.64 -12.83
C MET A 636 2.81 -28.30 -11.39
N PRO A 637 4.05 -27.96 -11.05
CA PRO A 637 4.35 -27.62 -9.65
C PRO A 637 3.62 -26.37 -9.19
N LEU A 638 3.15 -26.35 -7.94
CA LEU A 638 2.70 -25.11 -7.29
C LEU A 638 3.91 -24.28 -6.85
N TRP A 639 4.97 -25.00 -6.51
CA TRP A 639 6.22 -24.40 -6.10
C TRP A 639 7.37 -25.32 -6.40
N THR A 640 8.53 -24.70 -6.65
CA THR A 640 9.79 -25.40 -6.86
C THR A 640 10.85 -24.66 -6.08
N SER A 641 11.62 -25.39 -5.28
CA SER A 641 12.52 -24.78 -4.33
C SER A 641 13.92 -25.27 -4.62
N TYR A 642 14.87 -24.34 -4.63
CA TYR A 642 16.27 -24.68 -4.78
C TYR A 642 17.25 -23.65 -4.25
N THR A 643 18.41 -24.13 -3.85
CA THR A 643 19.47 -23.28 -3.34
C THR A 643 20.67 -23.26 -4.29
N ILE A 644 21.18 -22.04 -4.54
CA ILE A 644 22.36 -21.77 -5.36
C ILE A 644 23.40 -21.07 -4.49
N SER A 645 24.51 -21.75 -4.19
CA SER A 645 25.54 -21.16 -3.34
C SER A 645 26.34 -20.13 -4.14
N LYS A 646 27.07 -19.28 -3.42
CA LYS A 646 27.87 -18.25 -4.06
C LYS A 646 28.83 -18.80 -5.13
N GLN A 647 29.33 -20.02 -4.94
CA GLN A 647 30.34 -20.62 -5.85
C GLN A 647 29.77 -21.52 -6.94
N ALA A 648 28.45 -21.69 -6.94
CA ALA A 648 27.76 -22.49 -7.97
C ALA A 648 28.09 -22.06 -9.40
N GLU A 649 27.97 -22.99 -10.34
CA GLU A 649 28.45 -22.82 -11.70
C GLU A 649 27.32 -22.95 -12.72
N VAL A 650 27.32 -22.06 -13.70
CA VAL A 650 26.32 -22.11 -14.78
C VAL A 650 26.85 -22.97 -15.89
N SER A 651 26.03 -23.87 -16.40
CA SER A 651 26.36 -24.62 -17.60
C SER A 651 25.28 -24.40 -18.65
N SER A 652 25.54 -24.87 -19.86
CA SER A 652 24.60 -24.77 -20.95
C SER A 652 23.73 -26.01 -21.02
N ILE A 653 22.60 -25.88 -21.72
CA ILE A 653 21.84 -27.03 -22.11
C ILE A 653 22.60 -27.66 -23.27
N PRO A 654 23.03 -28.93 -23.13
CA PRO A 654 23.65 -29.58 -24.29
C PRO A 654 22.72 -29.49 -25.49
N GLU A 655 23.24 -29.09 -26.64
CA GLU A 655 22.40 -28.92 -27.82
C GLU A 655 21.73 -30.24 -28.28
N HIS A 656 22.16 -31.37 -27.72
CA HIS A 656 21.50 -32.66 -27.95
C HIS A 656 20.30 -32.91 -27.02
N LEU A 657 20.08 -31.99 -26.08
CA LEU A 657 18.94 -32.07 -25.16
C LEU A 657 17.98 -30.89 -25.32
N THR A 658 18.17 -30.08 -26.36
CA THR A 658 17.36 -28.86 -26.54
C THR A 658 15.85 -29.15 -26.47
N ASN A 659 15.43 -30.28 -27.03
CA ASN A 659 14.02 -30.72 -27.00
C ASN A 659 13.77 -31.89 -26.05
N CYS A 660 14.65 -32.09 -25.09
CA CYS A 660 14.53 -33.22 -24.17
C CYS A 660 13.43 -32.98 -23.13
N VAL A 661 12.49 -33.91 -23.05
CA VAL A 661 11.52 -33.97 -21.96
C VAL A 661 11.33 -35.43 -21.56
N ARG A 662 11.63 -35.74 -20.30
CA ARG A 662 11.60 -37.11 -19.79
C ARG A 662 10.35 -37.37 -18.97
N PRO A 663 9.70 -38.53 -19.18
CA PRO A 663 8.59 -38.89 -18.28
C PRO A 663 9.05 -39.03 -16.83
N ASP A 664 8.15 -38.72 -15.88
CA ASP A 664 8.43 -38.89 -14.45
C ASP A 664 7.71 -40.15 -13.98
N VAL A 665 8.51 -41.16 -13.62
CA VAL A 665 7.97 -42.44 -13.17
C VAL A 665 7.18 -42.40 -11.86
N ARG A 666 7.32 -41.31 -11.08
CA ARG A 666 6.58 -41.13 -9.82
C ARG A 666 5.14 -40.68 -10.04
N VAL A 667 4.87 -40.16 -11.22
CA VAL A 667 3.58 -39.56 -11.51
C VAL A 667 2.97 -40.25 -12.72
N SER A 668 1.71 -40.64 -12.61
CA SER A 668 1.05 -41.42 -13.67
C SER A 668 0.76 -40.53 -14.88
N PRO A 669 0.63 -41.15 -16.08
CA PRO A 669 0.40 -40.40 -17.30
C PRO A 669 -0.83 -39.48 -17.25
N GLY A 670 -1.90 -39.92 -16.59
CA GLY A 670 -3.12 -39.15 -16.48
C GLY A 670 -2.94 -37.81 -15.78
N PHE A 671 -1.93 -37.71 -14.92
CA PHE A 671 -1.66 -36.50 -14.16
C PHE A 671 -0.39 -35.78 -14.63
N SER A 672 0.03 -36.07 -15.86
CA SER A 672 1.22 -35.44 -16.44
C SER A 672 0.87 -34.61 -17.67
N GLN A 673 1.76 -33.67 -18.00
CA GLN A 673 1.65 -32.92 -19.24
C GLN A 673 2.06 -33.82 -20.41
N ASN A 674 2.01 -33.30 -21.64
CA ASN A 674 2.62 -33.97 -22.78
C ASN A 674 3.12 -32.97 -23.82
N CYS A 675 4.00 -33.41 -24.71
CA CYS A 675 4.66 -32.54 -25.67
C CYS A 675 3.89 -32.41 -26.97
N LEU A 676 2.94 -33.31 -27.18
CA LEU A 676 2.06 -33.22 -28.36
C LEU A 676 1.29 -31.89 -28.30
N ALA A 677 0.74 -31.58 -27.12
CA ALA A 677 0.03 -30.34 -26.88
C ALA A 677 0.89 -29.13 -27.26
N TYR A 678 2.16 -29.14 -26.88
CA TYR A 678 3.05 -28.01 -27.14
C TYR A 678 3.46 -27.95 -28.60
N LYS A 679 3.58 -29.11 -29.24
CA LYS A 679 3.84 -29.17 -30.67
C LYS A 679 2.60 -28.70 -31.43
N ASN A 680 1.43 -29.16 -31.00
CA ASN A 680 0.16 -28.77 -31.62
C ASN A 680 -0.31 -27.36 -31.33
N ASP A 681 0.14 -26.76 -30.23
CA ASP A 681 -0.15 -25.36 -29.97
C ASP A 681 1.01 -24.52 -30.51
N LYS A 682 0.75 -23.90 -31.66
CA LYS A 682 1.75 -23.10 -32.38
C LYS A 682 2.15 -21.79 -31.69
N GLN A 683 1.37 -21.32 -30.72
CA GLN A 683 1.73 -20.10 -29.98
C GLN A 683 2.44 -20.39 -28.66
N MET A 684 2.22 -21.59 -28.12
CA MET A 684 2.71 -21.97 -26.78
C MET A 684 3.92 -22.91 -26.85
N SER A 685 4.98 -22.56 -26.12
CA SER A 685 6.13 -23.44 -25.93
C SER A 685 6.18 -23.74 -24.44
N TYR A 686 7.35 -24.12 -23.92
CA TYR A 686 7.46 -24.44 -22.50
C TYR A 686 8.82 -24.05 -21.95
N GLY A 687 8.87 -23.87 -20.64
CA GLY A 687 10.12 -23.67 -19.94
C GLY A 687 10.15 -24.58 -18.74
N PHE A 688 11.19 -24.39 -17.93
CA PHE A 688 11.39 -25.20 -16.74
C PHE A 688 11.49 -24.32 -15.49
N LEU A 689 10.92 -24.82 -14.39
CA LEU A 689 10.93 -24.09 -13.12
C LEU A 689 12.30 -24.15 -12.44
N PHE A 690 12.85 -25.35 -12.23
CA PHE A 690 14.27 -25.42 -11.91
C PHE A 690 15.08 -25.35 -13.22
N PRO A 691 16.02 -24.38 -13.33
CA PRO A 691 16.77 -24.18 -14.56
C PRO A 691 17.87 -25.22 -14.79
N PRO A 692 17.82 -25.93 -15.93
CA PRO A 692 18.93 -26.81 -16.33
C PRO A 692 20.31 -26.16 -16.21
N TYR A 693 20.38 -24.84 -16.39
CA TYR A 693 21.65 -24.13 -16.42
C TYR A 693 22.37 -24.16 -15.08
N LEU A 694 21.63 -24.39 -14.01
CA LEU A 694 22.22 -24.36 -12.66
C LEU A 694 22.35 -25.74 -12.08
N SER A 695 22.25 -26.76 -12.91
CA SER A 695 22.40 -28.10 -12.42
C SER A 695 23.81 -28.31 -11.88
N SER A 696 23.92 -29.07 -10.79
CA SER A 696 25.19 -29.27 -10.05
C SER A 696 26.20 -30.20 -10.73
N SER A 697 25.72 -31.01 -11.67
CA SER A 697 26.54 -31.97 -12.40
C SER A 697 25.79 -32.34 -13.67
N PRO A 698 26.52 -32.84 -14.70
CA PRO A 698 25.91 -33.37 -15.94
C PRO A 698 24.81 -34.42 -15.70
N GLU A 699 25.02 -35.27 -14.71
CA GLU A 699 24.08 -36.34 -14.41
C GLU A 699 22.83 -35.76 -13.78
N ALA A 700 23.02 -34.83 -12.85
CA ALA A 700 21.91 -34.16 -12.20
C ALA A 700 21.08 -33.35 -13.19
N LYS A 701 21.70 -32.83 -14.24
CA LYS A 701 20.96 -32.02 -15.22
C LYS A 701 19.76 -32.75 -15.84
N TYR A 702 19.84 -34.09 -15.93
CA TYR A 702 18.74 -34.88 -16.48
C TYR A 702 17.42 -34.72 -15.70
N ASP A 703 17.49 -34.55 -14.38
CA ASP A 703 16.29 -34.29 -13.57
C ASP A 703 15.58 -33.01 -14.03
N ALA A 704 16.37 -32.02 -14.40
CA ALA A 704 15.80 -30.73 -14.86
C ALA A 704 14.89 -30.85 -16.09
N PHE A 705 15.04 -31.92 -16.87
CA PHE A 705 14.21 -32.13 -18.06
C PHE A 705 12.99 -33.01 -17.84
N LEU A 706 12.69 -33.34 -16.59
CA LEU A 706 11.48 -34.08 -16.25
C LEU A 706 10.18 -33.31 -16.65
N VAL A 707 9.18 -34.06 -17.11
CA VAL A 707 7.88 -33.49 -17.51
C VAL A 707 7.19 -32.76 -16.34
N THR A 708 7.54 -33.16 -15.14
CA THR A 708 7.03 -32.57 -13.90
C THR A 708 7.70 -31.27 -13.46
N ASN A 709 8.77 -30.87 -14.16
CA ASN A 709 9.46 -29.60 -13.96
C ASN A 709 9.12 -28.61 -15.09
N MET A 710 8.24 -29.01 -16.01
CA MET A 710 7.90 -28.24 -17.21
CA MET A 710 7.94 -28.19 -17.18
C MET A 710 6.68 -27.33 -16.97
N VAL A 711 6.72 -26.13 -17.55
CA VAL A 711 5.57 -25.23 -17.49
C VAL A 711 5.38 -24.50 -18.80
N PRO A 712 4.13 -24.16 -19.11
CA PRO A 712 3.85 -23.55 -20.41
C PRO A 712 4.26 -22.08 -20.49
N MET A 713 4.88 -21.74 -21.62
CA MET A 713 5.51 -20.46 -21.80
C MET A 713 5.46 -20.03 -23.26
N TYR A 714 4.98 -18.82 -23.49
CA TYR A 714 5.03 -18.17 -24.79
C TYR A 714 6.48 -17.90 -25.12
N PRO A 715 6.83 -18.04 -26.40
CA PRO A 715 8.21 -17.73 -26.78
C PRO A 715 8.67 -16.37 -26.31
N ALA A 716 7.82 -15.35 -26.36
CA ALA A 716 8.23 -14.02 -25.92
C ALA A 716 8.61 -14.07 -24.45
N PHE A 717 7.84 -14.82 -23.67
CA PHE A 717 8.11 -14.83 -22.25
C PHE A 717 9.38 -15.62 -21.92
N LYS A 718 9.69 -16.63 -22.71
CA LYS A 718 10.93 -17.38 -22.50
C LYS A 718 12.19 -16.49 -22.56
N ARG A 719 12.17 -15.46 -23.41
CA ARG A 719 13.29 -14.51 -23.43
C ARG A 719 13.54 -13.91 -22.05
N VAL A 720 12.47 -13.53 -21.36
CA VAL A 720 12.55 -13.02 -20.00
C VAL A 720 12.99 -14.12 -19.02
N TRP A 721 12.33 -15.26 -19.10
CA TRP A 721 12.51 -16.30 -18.07
C TRP A 721 13.91 -16.93 -18.16
N THR A 722 14.35 -17.24 -19.38
CA THR A 722 15.69 -17.79 -19.59
C THR A 722 16.77 -16.84 -19.11
N TYR A 723 16.56 -15.53 -19.30
CA TYR A 723 17.55 -14.55 -18.86
C TYR A 723 17.60 -14.48 -17.32
N PHE A 724 16.44 -14.45 -16.68
CA PHE A 724 16.39 -14.58 -15.23
C PHE A 724 17.17 -15.82 -14.73
N GLN A 725 16.91 -16.96 -15.35
CA GLN A 725 17.52 -18.22 -14.92
C GLN A 725 18.97 -18.38 -15.30
N ARG A 726 19.35 -17.99 -16.52
CA ARG A 726 20.73 -18.19 -16.99
C ARG A 726 21.69 -17.14 -16.42
N VAL A 727 21.22 -15.90 -16.26
CA VAL A 727 22.08 -14.80 -15.87
C VAL A 727 21.82 -14.31 -14.45
N LEU A 728 20.57 -13.97 -14.14
CA LEU A 728 20.34 -13.21 -12.92
C LEU A 728 20.47 -14.02 -11.64
N VAL A 729 20.02 -15.27 -11.64
CA VAL A 729 20.10 -16.06 -10.40
C VAL A 729 21.56 -16.14 -9.83
N LYS A 730 22.59 -16.19 -10.66
CA LYS A 730 23.97 -16.35 -10.15
C LYS A 730 24.52 -15.02 -9.76
N LYS A 731 24.07 -14.00 -10.47
CA LYS A 731 24.40 -12.64 -10.07
C LYS A 731 23.89 -12.44 -8.65
N TYR A 732 22.65 -12.87 -8.39
CA TYR A 732 22.10 -12.73 -7.05
C TYR A 732 22.82 -13.61 -6.04
N ALA A 733 23.11 -14.85 -6.42
CA ALA A 733 23.90 -15.75 -5.58
C ALA A 733 25.27 -15.15 -5.26
N SER A 734 25.89 -14.52 -6.25
CA SER A 734 27.21 -13.94 -6.04
CA SER A 734 27.21 -13.92 -6.05
C SER A 734 27.16 -12.76 -5.09
N GLU A 735 26.21 -11.86 -5.31
CA GLU A 735 26.12 -10.66 -4.49
C GLU A 735 25.57 -10.90 -3.08
N ARG A 736 24.73 -11.91 -2.91
CA ARG A 736 24.06 -12.15 -1.62
C ARG A 736 24.64 -13.29 -0.78
N ASN A 737 25.76 -13.85 -1.24
CA ASN A 737 26.41 -15.04 -0.64
C ASN A 737 25.46 -16.24 -0.69
N GLY A 738 25.04 -16.54 -1.92
CA GLY A 738 24.06 -17.58 -2.18
C GLY A 738 22.63 -17.11 -1.99
N VAL A 739 21.71 -17.79 -2.68
CA VAL A 739 20.27 -17.53 -2.56
C VAL A 739 19.46 -18.81 -2.60
N ASN A 740 18.34 -18.82 -1.88
CA ASN A 740 17.33 -19.85 -2.03
C ASN A 740 16.21 -19.27 -2.89
N VAL A 741 15.81 -20.02 -3.90
CA VAL A 741 14.81 -19.57 -4.85
C VAL A 741 13.59 -20.52 -4.78
N ILE A 742 12.41 -19.92 -4.67
CA ILE A 742 11.15 -20.67 -4.83
C ILE A 742 10.39 -20.03 -6.00
N SER A 743 10.14 -20.82 -7.04
CA SER A 743 9.45 -20.35 -8.22
C SER A 743 8.19 -21.16 -8.48
N GLY A 744 7.29 -20.59 -9.27
CA GLY A 744 6.04 -21.28 -9.56
C GLY A 744 5.08 -20.43 -10.39
N PRO A 745 3.98 -21.05 -10.84
CA PRO A 745 2.97 -20.39 -11.65
C PRO A 745 1.94 -19.66 -10.78
N ILE A 746 1.29 -18.66 -11.36
CA ILE A 746 0.11 -18.05 -10.78
C ILE A 746 -0.98 -18.01 -11.84
N PHE A 747 -2.20 -18.28 -11.40
CA PHE A 747 -3.39 -18.23 -12.22
C PHE A 747 -4.34 -17.20 -11.59
N ASP A 748 -4.48 -16.05 -12.25
CA ASP A 748 -5.41 -15.00 -11.78
C ASP A 748 -6.18 -14.35 -12.94
N TYR A 749 -6.99 -15.17 -13.61
CA TYR A 749 -7.74 -14.76 -14.79
C TYR A 749 -8.78 -13.68 -14.49
N ASN A 750 -9.28 -13.64 -13.26
CA ASN A 750 -10.31 -12.67 -12.91
C ASN A 750 -9.71 -11.50 -12.14
N TYR A 751 -8.38 -11.47 -12.10
CA TYR A 751 -7.62 -10.31 -11.65
C TYR A 751 -8.05 -9.78 -10.28
N ASN A 752 -8.31 -10.69 -9.35
CA ASN A 752 -8.71 -10.31 -7.99
C ASN A 752 -7.60 -10.45 -6.96
N GLY A 753 -6.39 -10.73 -7.43
CA GLY A 753 -5.25 -10.92 -6.55
C GLY A 753 -5.26 -12.23 -5.74
N LEU A 754 -6.20 -13.10 -6.03
CA LEU A 754 -6.32 -14.36 -5.33
C LEU A 754 -6.20 -15.52 -6.30
N ARG A 755 -5.66 -16.62 -5.78
CA ARG A 755 -5.54 -17.89 -6.51
C ARG A 755 -6.85 -18.23 -7.20
N ASP A 756 -6.80 -18.54 -8.49
CA ASP A 756 -8.01 -18.95 -9.21
C ASP A 756 -8.42 -20.38 -8.84
N ILE A 757 -9.71 -20.63 -8.71
CA ILE A 757 -10.21 -22.00 -8.72
C ILE A 757 -10.23 -22.50 -10.18
N GLU A 758 -10.24 -23.81 -10.39
CA GLU A 758 -10.30 -24.40 -11.74
C GLU A 758 -11.24 -23.67 -12.68
N ASP A 759 -12.45 -23.43 -12.20
CA ASP A 759 -13.50 -22.78 -12.99
C ASP A 759 -13.09 -21.46 -13.64
N GLU A 760 -12.11 -20.77 -13.04
CA GLU A 760 -11.80 -19.42 -13.48
C GLU A 760 -10.75 -19.41 -14.56
N ILE A 761 -10.14 -20.56 -14.83
CA ILE A 761 -9.09 -20.69 -15.84
C ILE A 761 -9.68 -20.55 -17.25
N LYS A 762 -9.23 -19.56 -18.01
CA LYS A 762 -9.81 -19.25 -19.33
C LYS A 762 -8.97 -19.70 -20.52
N GLN A 763 -7.75 -20.19 -20.26
CA GLN A 763 -6.86 -20.64 -21.34
C GLN A 763 -6.11 -21.92 -21.00
N TYR A 764 -6.05 -22.83 -21.96
CA TYR A 764 -5.35 -24.10 -21.84
C TYR A 764 -4.44 -24.29 -23.04
N VAL A 765 -3.33 -25.02 -22.90
CA VAL A 765 -2.53 -25.32 -24.09
C VAL A 765 -3.42 -26.15 -25.05
N GLU A 766 -3.48 -25.71 -26.29
CA GLU A 766 -4.40 -26.27 -27.30
C GLU A 766 -4.67 -27.78 -27.15
N GLY A 767 -5.96 -28.14 -27.20
CA GLY A 767 -6.39 -29.52 -27.16
C GLY A 767 -5.93 -30.26 -25.93
N SER A 768 -5.87 -29.56 -24.79
CA SER A 768 -5.37 -30.18 -23.59
C SER A 768 -6.05 -29.70 -22.33
N SER A 769 -5.75 -30.40 -21.26
CA SER A 769 -6.20 -30.04 -19.94
C SER A 769 -5.14 -29.18 -19.20
N ILE A 770 -4.12 -28.69 -19.91
CA ILE A 770 -2.99 -28.02 -19.25
C ILE A 770 -3.30 -26.53 -19.13
N PRO A 771 -3.45 -26.03 -17.90
CA PRO A 771 -3.80 -24.62 -17.77
C PRO A 771 -2.62 -23.70 -18.03
N VAL A 772 -2.89 -22.53 -18.58
CA VAL A 772 -1.86 -21.55 -18.90
C VAL A 772 -1.80 -20.51 -17.76
N PRO A 773 -0.64 -20.38 -17.08
CA PRO A 773 -0.53 -19.38 -16.00
C PRO A 773 -0.61 -17.93 -16.50
N THR A 774 -1.12 -17.04 -15.67
CA THR A 774 -1.17 -15.62 -16.01
C THR A 774 0.12 -14.94 -15.62
N HIS A 775 0.83 -15.58 -14.71
CA HIS A 775 2.04 -15.00 -14.17
C HIS A 775 2.97 -16.11 -13.67
N TYR A 776 4.25 -15.78 -13.53
CA TYR A 776 5.20 -16.66 -12.85
C TYR A 776 5.92 -15.87 -11.77
N TYR A 777 6.01 -16.48 -10.58
CA TYR A 777 6.67 -15.84 -9.46
C TYR A 777 8.04 -16.45 -9.15
N SER A 778 8.82 -15.67 -8.42
CA SER A 778 10.02 -16.19 -7.75
C SER A 778 10.24 -15.42 -6.46
N ILE A 779 10.66 -16.16 -5.44
CA ILE A 779 10.95 -15.63 -4.13
C ILE A 779 12.41 -15.94 -3.84
N ILE A 780 13.23 -14.93 -3.61
CA ILE A 780 14.70 -15.12 -3.53
C ILE A 780 15.11 -14.70 -2.14
N THR A 781 15.58 -15.67 -1.35
CA THR A 781 15.86 -15.44 0.09
C THR A 781 17.34 -15.71 0.37
N SER A 782 17.91 -14.85 1.21
CA SER A 782 19.25 -15.05 1.71
C SER A 782 19.38 -14.55 3.15
N CYS A 783 20.60 -14.55 3.69
CA CYS A 783 20.86 -14.13 5.06
C CYS A 783 21.06 -12.62 5.10
N LEU A 784 20.37 -11.91 5.97
CA LEU A 784 20.54 -10.47 6.09
C LEU A 784 22.01 -10.14 6.36
N ASP A 785 22.64 -10.88 7.25
CA ASP A 785 24.09 -10.88 7.41
C ASP A 785 24.71 -11.72 6.30
N PHE A 786 25.18 -11.07 5.24
CA PHE A 786 25.65 -11.79 4.05
C PHE A 786 27.05 -12.36 4.18
N THR A 787 27.66 -12.23 5.34
CA THR A 787 28.90 -12.93 5.62
C THR A 787 28.58 -14.41 5.93
N GLN A 788 27.32 -14.68 6.28
CA GLN A 788 26.85 -16.07 6.37
C GLN A 788 26.20 -16.50 5.05
N PRO A 789 26.47 -17.74 4.61
CA PRO A 789 25.80 -18.18 3.37
C PRO A 789 24.31 -18.44 3.59
N ALA A 790 23.56 -18.42 2.49
CA ALA A 790 22.09 -18.51 2.54
C ALA A 790 21.62 -19.77 3.29
N ASP A 791 22.27 -20.88 3.00
CA ASP A 791 21.95 -22.15 3.64
C ASP A 791 22.50 -22.36 5.07
N LYS A 792 23.27 -21.41 5.60
CA LYS A 792 23.79 -21.49 6.97
C LYS A 792 23.57 -20.19 7.74
N CYS A 793 22.33 -19.72 7.77
CA CYS A 793 22.02 -18.40 8.28
C CYS A 793 21.43 -18.49 9.68
N ASP A 794 22.01 -17.76 10.62
CA ASP A 794 21.62 -17.83 12.02
C ASP A 794 20.65 -16.74 12.48
N GLY A 795 20.51 -15.67 11.69
CA GLY A 795 19.73 -14.49 12.11
C GLY A 795 18.60 -14.10 11.17
N PRO A 796 18.26 -12.81 11.12
CA PRO A 796 17.16 -12.40 10.23
C PRO A 796 17.47 -12.67 8.76
N LEU A 797 16.40 -12.79 7.98
CA LEU A 797 16.47 -13.10 6.56
C LEU A 797 16.37 -11.84 5.70
N SER A 798 16.76 -11.98 4.44
CA SER A 798 16.63 -10.94 3.45
C SER A 798 15.89 -11.54 2.24
N VAL A 799 14.92 -10.81 1.71
CA VAL A 799 14.11 -11.35 0.61
C VAL A 799 13.87 -10.30 -0.48
N SER A 800 13.81 -10.78 -1.73
CA SER A 800 13.16 -10.03 -2.82
C SER A 800 12.39 -11.03 -3.66
N SER A 801 11.33 -10.57 -4.30
CA SER A 801 10.42 -11.44 -5.04
C SER A 801 9.83 -10.69 -6.22
N PHE A 802 9.33 -11.45 -7.19
CA PHE A 802 8.55 -10.83 -8.24
C PHE A 802 7.39 -11.70 -8.72
N ILE A 803 6.51 -11.05 -9.47
CA ILE A 803 5.41 -11.68 -10.11
C ILE A 803 5.41 -11.19 -11.57
N LEU A 804 5.99 -12.00 -12.44
CA LEU A 804 6.11 -11.63 -13.85
C LEU A 804 4.89 -11.97 -14.64
N PRO A 805 4.38 -11.00 -15.42
CA PRO A 805 3.23 -11.33 -16.24
C PRO A 805 3.62 -12.21 -17.44
N HIS A 806 2.85 -13.25 -17.66
CA HIS A 806 3.08 -14.22 -18.70
C HIS A 806 2.41 -13.73 -19.99
N ARG A 807 3.11 -12.87 -20.72
CA ARG A 807 2.56 -12.23 -21.93
C ARG A 807 3.09 -12.85 -23.23
N PRO A 808 2.24 -12.94 -24.27
CA PRO A 808 2.64 -13.53 -25.55
C PRO A 808 3.47 -12.59 -26.42
N ASP A 809 3.73 -11.38 -25.94
CA ASP A 809 4.66 -10.48 -26.60
C ASP A 809 5.37 -9.67 -25.53
N ASN A 810 6.36 -8.89 -25.95
CA ASN A 810 7.07 -8.00 -25.06
C ASN A 810 6.82 -6.52 -25.36
N ASP A 811 5.57 -6.22 -25.73
CA ASP A 811 5.16 -4.85 -26.02
C ASP A 811 5.35 -3.94 -24.80
N GLU A 812 5.26 -4.48 -23.59
CA GLU A 812 5.52 -3.70 -22.36
C GLU A 812 6.91 -3.09 -22.31
N SER A 813 7.88 -3.76 -22.90
CA SER A 813 9.28 -3.31 -22.90
C SER A 813 9.64 -2.71 -24.25
N CYS A 814 9.77 -1.38 -24.29
CA CYS A 814 9.94 -0.71 -25.58
C CYS A 814 11.29 -1.04 -26.24
N ASN A 815 12.26 -1.46 -25.45
CA ASN A 815 13.56 -1.82 -26.02
C ASN A 815 13.76 -3.32 -26.21
N SER A 816 12.68 -4.08 -26.32
CA SER A 816 12.80 -5.54 -26.32
C SER A 816 13.35 -6.13 -27.64
N SER A 817 13.50 -5.32 -28.68
CA SER A 817 14.24 -5.78 -29.86
C SER A 817 15.74 -5.96 -29.54
N GLU A 818 16.23 -5.24 -28.53
CA GLU A 818 17.62 -5.34 -28.09
C GLU A 818 17.90 -6.62 -27.28
N ASP A 819 19.18 -6.84 -26.98
CA ASP A 819 19.59 -7.94 -26.14
C ASP A 819 18.95 -7.81 -24.75
N GLU A 820 18.74 -8.95 -24.10
CA GLU A 820 18.00 -9.00 -22.83
C GLU A 820 18.66 -8.19 -21.71
N SER A 821 19.98 -8.06 -21.77
CA SER A 821 20.74 -7.22 -20.85
C SER A 821 20.29 -5.76 -20.84
N LYS A 822 19.60 -5.32 -21.89
CA LYS A 822 19.17 -3.93 -21.97
C LYS A 822 17.75 -3.69 -21.47
N TRP A 823 16.97 -4.74 -21.20
CA TRP A 823 15.57 -4.53 -20.79
C TRP A 823 14.96 -5.51 -19.79
N VAL A 824 15.42 -6.76 -19.75
CA VAL A 824 14.70 -7.73 -18.92
C VAL A 824 14.76 -7.37 -17.44
N GLU A 825 15.89 -6.90 -16.95
CA GLU A 825 15.95 -6.55 -15.51
C GLU A 825 15.06 -5.35 -15.10
N GLU A 826 14.93 -4.38 -16.00
CA GLU A 826 14.03 -3.26 -15.74
C GLU A 826 12.57 -3.75 -15.66
N LEU A 827 12.20 -4.72 -16.51
CA LEU A 827 10.87 -5.31 -16.47
C LEU A 827 10.61 -5.95 -15.11
N MET A 828 11.58 -6.74 -14.65
CA MET A 828 11.45 -7.48 -13.40
C MET A 828 11.27 -6.55 -12.24
N LYS A 829 12.07 -5.48 -12.20
CA LYS A 829 12.00 -4.48 -11.14
C LYS A 829 10.63 -3.83 -11.03
N MET A 830 10.02 -3.54 -12.18
CA MET A 830 8.63 -3.01 -12.24
C MET A 830 7.60 -3.98 -11.62
N HIS A 831 7.88 -5.27 -11.69
CA HIS A 831 6.98 -6.31 -11.22
C HIS A 831 7.44 -6.97 -9.95
N THR A 832 8.31 -6.26 -9.23
CA THR A 832 8.66 -6.62 -7.85
C THR A 832 7.41 -6.86 -6.97
N ALA A 833 7.52 -7.71 -5.96
CA ALA A 833 6.35 -8.10 -5.17
C ALA A 833 6.68 -8.43 -3.73
N ARG A 834 5.65 -8.48 -2.90
CA ARG A 834 5.81 -8.99 -1.53
C ARG A 834 5.57 -10.48 -1.57
N VAL A 835 6.25 -11.21 -0.69
CA VAL A 835 5.92 -12.61 -0.50
C VAL A 835 4.43 -12.75 -0.22
N ARG A 836 3.87 -11.84 0.57
CA ARG A 836 2.41 -11.88 0.86
C ARG A 836 1.51 -11.82 -0.39
N ASP A 837 1.93 -11.04 -1.38
CA ASP A 837 1.22 -10.97 -2.67
C ASP A 837 1.14 -12.36 -3.35
N ILE A 838 2.27 -13.06 -3.30
CA ILE A 838 2.38 -14.39 -3.91
C ILE A 838 1.50 -15.37 -3.13
N GLU A 839 1.55 -15.30 -1.81
CA GLU A 839 0.70 -16.10 -0.96
C GLU A 839 -0.79 -15.96 -1.34
N HIS A 840 -1.29 -14.72 -1.46
CA HIS A 840 -2.69 -14.55 -1.89
C HIS A 840 -2.93 -15.23 -3.24
N LEU A 841 -2.00 -15.06 -4.16
CA LEU A 841 -2.17 -15.53 -5.53
C LEU A 841 -1.97 -17.01 -5.74
N THR A 842 -1.45 -17.71 -4.71
CA THR A 842 -1.16 -19.12 -4.79
C THR A 842 -1.86 -20.03 -3.77
N GLY A 843 -2.43 -19.46 -2.71
CA GLY A 843 -2.94 -20.27 -1.59
C GLY A 843 -1.90 -21.06 -0.80
N LEU A 844 -0.64 -20.58 -0.83
CA LEU A 844 0.49 -21.18 -0.17
C LEU A 844 0.93 -20.27 0.98
N ASP A 845 1.54 -20.88 2.00
CA ASP A 845 2.07 -20.17 3.17
C ASP A 845 3.54 -20.57 3.34
N PHE A 846 4.42 -19.58 3.28
CA PHE A 846 5.86 -19.78 3.28
C PHE A 846 6.52 -19.49 4.64
N TYR A 847 7.79 -19.86 4.75
CA TYR A 847 8.61 -19.59 5.91
C TYR A 847 8.01 -20.13 7.19
N ARG A 848 7.43 -21.31 7.11
CA ARG A 848 6.83 -21.88 8.27
C ARG A 848 7.82 -22.51 9.26
N LYS A 849 9.06 -22.78 8.83
CA LYS A 849 10.03 -23.43 9.71
C LYS A 849 11.32 -22.64 9.72
N THR A 850 11.40 -21.66 10.61
CA THR A 850 12.61 -20.85 10.77
C THR A 850 12.94 -20.76 12.24
N SER A 851 14.07 -20.13 12.55
CA SER A 851 14.48 -19.84 13.91
C SER A 851 14.00 -18.46 14.38
N ARG A 852 13.15 -17.81 13.57
CA ARG A 852 12.71 -16.44 13.84
C ARG A 852 11.30 -16.45 14.43
N SER A 853 10.91 -15.36 15.08
CA SER A 853 9.55 -15.28 15.60
C SER A 853 8.61 -15.12 14.43
N TYR A 854 7.36 -15.50 14.65
CA TYR A 854 6.38 -15.43 13.60
C TYR A 854 6.07 -13.96 13.23
N SER A 855 6.07 -13.08 14.24
CA SER A 855 5.88 -11.63 13.95
C SER A 855 6.95 -11.07 13.04
N GLU A 856 8.20 -11.45 13.25
CA GLU A 856 9.30 -10.99 12.42
C GLU A 856 9.14 -11.57 11.00
N ILE A 857 8.71 -12.83 10.89
CA ILE A 857 8.46 -13.43 9.59
C ILE A 857 7.31 -12.71 8.86
N LEU A 858 6.28 -12.32 9.57
CA LEU A 858 5.21 -11.54 8.94
C LEU A 858 5.72 -10.20 8.38
N THR A 859 6.62 -9.54 9.10
CA THR A 859 7.27 -8.32 8.60
C THR A 859 8.04 -8.64 7.32
N LEU A 860 8.77 -9.75 7.32
CA LEU A 860 9.53 -10.17 6.16
C LEU A 860 8.61 -10.41 4.93
N LYS A 861 7.49 -11.04 5.18
CA LYS A 861 6.56 -11.36 4.14
C LYS A 861 5.91 -10.14 3.52
N THR A 862 5.83 -9.06 4.28
CA THR A 862 5.23 -7.82 3.77
C THR A 862 6.24 -6.90 3.12
N TYR A 863 7.53 -7.23 3.23
CA TYR A 863 8.58 -6.38 2.61
C TYR A 863 8.44 -6.33 1.07
N LEU A 864 8.65 -5.16 0.49
CA LEU A 864 8.69 -4.99 -0.97
C LEU A 864 10.05 -4.37 -1.33
N HIS A 865 10.84 -5.04 -2.16
CA HIS A 865 12.12 -4.49 -2.61
C HIS A 865 11.81 -3.52 -3.76
N THR A 866 12.04 -2.23 -3.57
CA THR A 866 11.49 -1.26 -4.54
C THR A 866 12.46 -0.86 -5.62
N TYR A 867 13.76 -1.05 -5.34
CA TYR A 867 14.84 -0.65 -6.22
C TYR A 867 15.00 0.88 -6.41
N GLU A 868 14.42 1.67 -5.52
CA GLU A 868 14.46 3.14 -5.67
C GLU A 868 15.77 3.79 -5.16
C1 NAG B . -8.49 -7.49 0.58
C2 NAG B . -8.48 -8.78 -0.23
C3 NAG B . -9.92 -9.11 -0.68
C4 NAG B . -10.78 -9.19 0.58
C5 NAG B . -10.66 -7.95 1.46
C6 NAG B . -11.46 -8.07 2.78
C7 NAG B . -6.49 -9.46 -1.47
C8 NAG B . -5.68 -9.31 -2.73
N2 NAG B . -7.57 -8.69 -1.35
O3 NAG B . -9.95 -10.38 -1.26
O4 NAG B . -12.10 -9.61 0.33
O5 NAG B . -9.31 -7.67 1.72
O6 NAG B . -11.31 -9.32 3.45
O7 NAG B . -6.16 -10.29 -0.61
C1 NAG B . -12.91 -8.76 -0.50
C2 NAG B . -14.09 -9.63 -0.97
C3 NAG B . -15.05 -8.82 -1.84
C4 NAG B . -15.41 -7.53 -1.12
C5 NAG B . -14.19 -6.77 -0.62
C6 NAG B . -14.53 -5.54 0.23
C7 NAG B . -13.64 -12.04 -1.03
C8 NAG B . -13.12 -13.20 -1.83
N2 NAG B . -13.63 -10.84 -1.62
O3 NAG B . -16.24 -9.56 -2.07
O4 NAG B . -16.11 -6.67 -2.02
O5 NAG B . -13.41 -7.63 0.18
O6 NAG B . -15.48 -5.86 1.22
O7 NAG B . -14.07 -12.23 0.13
C1 BMA B . -17.51 -6.62 -1.74
C2 BMA B . -18.06 -5.25 -2.14
C3 BMA B . -19.55 -5.24 -1.88
C4 BMA B . -20.18 -6.41 -2.59
C5 BMA B . -19.55 -7.71 -2.10
C6 BMA B . -20.21 -8.91 -2.77
O2 BMA B . -17.81 -4.96 -3.51
O3 BMA B . -20.20 -4.06 -2.39
O4 BMA B . -21.59 -6.42 -2.36
O5 BMA B . -18.18 -7.65 -2.42
O6 BMA B . -19.79 -8.91 -4.13
C1 MAN B . -20.13 -2.85 -1.68
C2 MAN B . -21.38 -2.00 -1.95
C3 MAN B . -20.82 -1.29 -3.21
C4 MAN B . -19.44 -0.67 -2.93
C5 MAN B . -18.43 -1.73 -2.44
C6 MAN B . -17.03 -1.20 -2.16
O2 MAN B . -21.59 -0.93 -1.07
O3 MAN B . -21.72 -0.32 -3.73
O4 MAN B . -18.95 0.02 -4.06
O5 MAN B . -18.93 -2.31 -1.23
O6 MAN B . -16.36 -2.11 -1.30
C1 MAN B . -22.26 -1.09 0.18
C2 MAN B . -22.69 0.20 0.81
C3 MAN B . -21.54 0.70 1.63
C4 MAN B . -21.10 -0.45 2.55
C5 MAN B . -20.92 -1.79 1.80
C6 MAN B . -20.48 -2.91 2.73
O2 MAN B . -23.75 0.00 1.73
O3 MAN B . -21.93 1.89 2.30
O4 MAN B . -19.91 -0.08 3.26
O5 MAN B . -22.09 -2.17 1.03
O6 MAN B . -20.11 -4.05 1.97
C1 MAN B . -24.89 0.79 1.55
C2 MAN B . -25.89 0.79 2.69
C3 MAN B . -26.80 -0.37 2.36
C4 MAN B . -27.35 -0.22 0.92
C5 MAN B . -26.22 0.03 -0.10
C6 MAN B . -26.72 0.17 -1.53
O2 MAN B . -26.58 2.03 2.83
O3 MAN B . -27.84 -0.43 3.32
O4 MAN B . -28.08 -1.41 0.63
O5 MAN B . -25.38 1.14 0.29
O6 MAN B . -27.64 1.24 -1.63
C1 NAG C . -38.69 21.96 20.34
C2 NAG C . -40.19 21.87 20.09
C3 NAG C . -40.49 21.85 18.60
C4 NAG C . -39.80 23.04 17.91
C5 NAG C . -38.31 23.05 18.26
C6 NAG C . -37.50 24.17 17.59
C7 NAG C . -41.42 20.84 21.97
C8 NAG C . -42.12 19.63 22.52
N2 NAG C . -40.85 20.75 20.75
O3 NAG C . -41.88 21.87 18.38
O4 NAG C . -39.90 22.91 16.50
O5 NAG C . -38.21 23.12 19.67
O6 NAG C . -38.13 25.45 17.59
O7 NAG C . -41.35 21.86 22.66
C1 NAG C . -40.53 24.06 15.89
C2 NAG C . -40.18 24.07 14.41
C3 NAG C . -40.82 25.30 13.79
C4 NAG C . -42.33 25.31 14.07
C5 NAG C . -42.61 25.16 15.57
C6 NAG C . -44.08 24.94 15.88
C7 NAG C . -38.01 22.95 14.10
C8 NAG C . -36.51 23.09 13.99
N2 NAG C . -38.73 24.07 14.27
O3 NAG C . -40.55 25.31 12.41
O4 NAG C . -42.90 26.50 13.59
O5 NAG C . -41.92 24.01 16.02
O6 NAG C . -44.41 25.35 17.20
O7 NAG C . -38.49 21.83 14.02
ZN ZN D . -3.82 14.32 -0.54
ZN ZN E . -3.05 17.08 -3.88
CA CA F . -8.27 -14.94 -9.04
C1 NAG G . -4.65 3.64 -34.84
C2 NAG G . -5.96 4.40 -35.09
C3 NAG G . -6.55 4.10 -36.46
C4 NAG G . -5.53 4.23 -37.58
C5 NAG G . -4.11 3.79 -37.21
C6 NAG G . -3.15 4.55 -38.12
C7 NAG G . -7.15 4.88 -33.01
C8 NAG G . -8.25 4.44 -32.10
N2 NAG G . -6.97 4.14 -34.10
O3 NAG G . -7.61 5.02 -36.66
O4 NAG G . -5.95 3.53 -38.75
O5 NAG G . -3.73 4.03 -35.85
O6 NAG G . -1.86 3.99 -38.09
O7 NAG G . -6.46 5.87 -32.71
C ACT H . -5.53 17.03 -5.51
O ACT H . -5.24 15.89 -5.98
OXT ACT H . -4.83 17.57 -4.66
CH3 ACT H . -6.76 17.78 -5.93
C4 6C1 I . -6.85 15.92 -2.52
C5 6C1 I . -8.03 15.50 -3.12
C6 6C1 I . -9.22 16.20 -3.04
C7 6C1 I . -9.29 17.40 -2.35
C8 6C1 I . -8.16 17.89 -1.70
C13 6C1 I . -6.85 21.02 -0.12
C15 6C1 I . -6.35 22.60 -1.87
O1 6C1 I . -4.42 16.01 -2.45
B2 6C1 I . -5.52 15.02 -2.58
O3 6C1 I . -5.59 14.28 -3.88
C9 6C1 I . -6.95 17.18 -1.73
O10 6C1 I . -5.84 17.66 -1.10
C11 6C1 I . -5.92 18.69 -0.12
C12 6C1 I . -6.07 20.05 -0.76
C14 6C1 I . -6.99 22.30 -0.68
C16 6C1 I . -5.58 21.64 -2.49
CL 6C1 I . -4.75 21.99 -4.02
C18 6C1 I . -5.43 20.37 -1.95
#